data_1Q9D
#
_entry.id   1Q9D
#
_cell.length_a   58.860
_cell.length_b   166.250
_cell.length_c   80.270
_cell.angle_alpha   90.00
_cell.angle_beta   90.00
_cell.angle_gamma   90.00
#
_symmetry.space_group_name_H-M   'P 21 21 2'
#
loop_
_entity.id
_entity.type
_entity.pdbx_description
1 polymer Fructose-1,6-bisphosphatase
2 non-polymer 6-O-phosphono-beta-D-fructofuranose
3 non-polymer 'MAGNESIUM ION'
4 non-polymer 'PHOSPHATE ION'
5 non-polymer 3-(4-HYDROXYBENZYL)-2-[1-({[2-(4-HYDROXYPHENYL)ETHYL]AMINO}CARBONYL)BUTYL]-4-OXO-3,6,11,11A-TETRAHYDRO-4H-PYRAZINO[1,2-B]ISOQUINOLIN-2-IUM-1-OLATE
6 water water
#
_entity_poly.entity_id   1
_entity_poly.type   'polypeptide(L)'
_entity_poly.pdbx_seq_one_letter_code
;TDQAAFDTNIVTLTRFVMEEGRKARGTGEMTQLLNSLCTAVKAISTAVRKAGIAHLYGIAGSTNVTGDQVKKLDVLSNDL
VINVLKSSFATCVLVSEEDKNAIIVEPEKRGKYVVCFDPLDGSSNIDCLVSIGTIFGIYRKNSTDEPSEKDALQPGRNLV
AAGYALYGSATMLVLAMVNGVNCFMLDPAIGEFILVDRDVKIKKKGSIYSINEGYAKEFDPAITEYIQRKKFPPDNSAPY
GARYVGSMVADVHRTLVYGGIFMYPANKKSPKGKLRLLYECNPMAYVMEKAGGLATTGKEAVLDIVPTDIHQRAPIILGS
PEDVTELLEIYQKHAAK
;
_entity_poly.pdbx_strand_id   A,B
#
# COMPACT_ATOMS: atom_id res chain seq x y z
N THR A 8 24.13 9.49 -21.62
CA THR A 8 24.88 8.45 -22.37
C THR A 8 24.09 7.12 -22.43
N ASN A 9 23.67 6.63 -21.27
CA ASN A 9 22.89 5.40 -21.19
C ASN A 9 22.44 5.07 -19.75
N ILE A 10 21.58 4.05 -19.62
CA ILE A 10 21.04 3.60 -18.34
C ILE A 10 22.07 3.61 -17.20
N VAL A 11 21.59 3.83 -15.98
CA VAL A 11 22.42 3.87 -14.76
C VAL A 11 21.86 2.89 -13.73
N THR A 12 22.69 2.03 -13.17
CA THR A 12 22.19 1.10 -12.15
C THR A 12 22.69 1.49 -10.77
N LEU A 13 22.03 1.02 -9.73
CA LEU A 13 22.47 1.33 -8.38
C LEU A 13 23.94 0.96 -8.26
N THR A 14 24.30 -0.22 -8.75
CA THR A 14 25.69 -0.66 -8.67
C THR A 14 26.64 0.34 -9.32
N ARG A 15 26.31 0.78 -10.53
CA ARG A 15 27.11 1.76 -11.24
C ARG A 15 27.20 3.07 -10.43
N PHE A 16 26.04 3.58 -10.03
CA PHE A 16 25.94 4.82 -9.26
C PHE A 16 26.77 4.77 -7.99
N VAL A 17 26.52 3.78 -7.15
CA VAL A 17 27.29 3.64 -5.93
C VAL A 17 28.80 3.60 -6.25
N MET A 18 29.14 3.15 -7.46
CA MET A 18 30.55 3.08 -7.88
C MET A 18 31.08 4.44 -8.35
N GLU A 19 30.36 5.12 -9.24
CA GLU A 19 30.81 6.42 -9.71
C GLU A 19 31.17 7.28 -8.50
N GLU A 20 30.41 7.14 -7.43
CA GLU A 20 30.70 7.90 -6.23
C GLU A 20 32.10 7.46 -5.77
N GLY A 21 32.29 6.15 -5.66
CA GLY A 21 33.58 5.60 -5.27
C GLY A 21 34.76 6.17 -6.04
N ARG A 22 34.63 6.31 -7.36
CA ARG A 22 35.71 6.87 -8.16
C ARG A 22 35.90 8.30 -7.66
N LYS A 23 34.91 9.14 -7.93
CA LYS A 23 34.94 10.54 -7.52
C LYS A 23 35.55 10.75 -6.14
N ALA A 24 34.93 10.13 -5.13
CA ALA A 24 35.36 10.25 -3.74
C ALA A 24 36.78 9.77 -3.40
N ARG A 25 37.24 8.72 -4.08
CA ARG A 25 38.58 8.20 -3.82
C ARG A 25 38.71 7.88 -2.32
N GLY A 26 38.11 6.77 -1.89
CA GLY A 26 38.16 6.36 -0.50
C GLY A 26 38.47 4.86 -0.38
N THR A 27 38.53 4.35 0.85
CA THR A 27 38.81 2.92 1.06
C THR A 27 37.92 1.95 0.27
N GLY A 28 36.73 2.42 -0.11
CA GLY A 28 35.81 1.58 -0.83
C GLY A 28 34.67 1.11 0.06
N GLU A 29 34.97 0.85 1.33
CA GLU A 29 33.96 0.40 2.29
C GLU A 29 32.52 0.82 2.00
N MET A 30 32.24 2.12 1.87
CA MET A 30 30.86 2.53 1.61
C MET A 30 30.23 1.84 0.39
N THR A 31 30.94 1.84 -0.74
CA THR A 31 30.45 1.19 -1.94
C THR A 31 30.14 -0.29 -1.66
N GLN A 32 31.01 -0.97 -0.92
CA GLN A 32 30.76 -2.37 -0.59
C GLN A 32 29.53 -2.45 0.33
N LEU A 33 29.47 -1.57 1.31
CA LEU A 33 28.35 -1.53 2.23
C LEU A 33 27.04 -1.33 1.46
N LEU A 34 26.99 -0.37 0.55
CA LEU A 34 25.76 -0.12 -0.20
C LEU A 34 25.34 -1.25 -1.12
N ASN A 35 26.32 -1.98 -1.68
CA ASN A 35 26.04 -3.11 -2.55
C ASN A 35 25.42 -4.20 -1.69
N SER A 36 25.97 -4.38 -0.49
CA SER A 36 25.47 -5.37 0.43
C SER A 36 24.00 -5.07 0.75
N LEU A 37 23.74 -3.80 1.03
CA LEU A 37 22.40 -3.34 1.33
C LEU A 37 21.48 -3.79 0.21
N CYS A 38 21.82 -3.37 -1.01
CA CYS A 38 21.02 -3.73 -2.17
C CYS A 38 20.76 -5.23 -2.23
N THR A 39 21.82 -6.03 -2.14
CA THR A 39 21.65 -7.45 -2.19
C THR A 39 20.60 -7.93 -1.18
N ALA A 40 20.50 -7.24 -0.05
CA ALA A 40 19.55 -7.57 1.01
C ALA A 40 18.11 -7.13 0.69
N VAL A 41 17.97 -5.89 0.25
CA VAL A 41 16.67 -5.34 -0.13
C VAL A 41 16.03 -6.20 -1.23
N LYS A 42 16.84 -6.80 -2.08
CA LYS A 42 16.32 -7.66 -3.16
C LYS A 42 15.76 -8.95 -2.57
N ALA A 43 16.48 -9.53 -1.60
CA ALA A 43 16.05 -10.75 -0.93
C ALA A 43 14.76 -10.50 -0.13
N ILE A 44 14.73 -9.38 0.61
CA ILE A 44 13.57 -9.01 1.39
C ILE A 44 12.36 -8.84 0.45
N SER A 45 12.56 -8.10 -0.64
CA SER A 45 11.51 -7.85 -1.61
C SER A 45 10.90 -9.16 -2.15
N THR A 46 11.74 -10.08 -2.63
CA THR A 46 11.26 -11.36 -3.14
C THR A 46 10.46 -12.08 -2.05
N ALA A 47 10.92 -12.00 -0.80
CA ALA A 47 10.23 -12.64 0.32
C ALA A 47 8.89 -11.96 0.61
N VAL A 48 8.87 -10.64 0.52
CA VAL A 48 7.64 -9.89 0.74
C VAL A 48 6.60 -10.31 -0.30
N ARG A 49 7.00 -10.36 -1.56
CA ARG A 49 6.08 -10.76 -2.61
C ARG A 49 5.74 -12.27 -2.44
N LYS A 50 6.28 -12.88 -1.40
CA LYS A 50 5.98 -14.27 -1.10
C LYS A 50 6.32 -15.34 -2.16
N ALA A 51 7.47 -15.18 -2.84
CA ALA A 51 7.90 -16.17 -3.83
C ALA A 51 8.15 -17.52 -3.15
N GLY A 52 7.71 -18.59 -3.82
CA GLY A 52 7.87 -19.94 -3.30
C GLY A 52 6.93 -20.29 -2.14
N ILE A 53 5.82 -19.57 -2.00
CA ILE A 53 4.94 -19.87 -0.89
C ILE A 53 4.22 -21.19 -1.08
N ALA A 54 4.11 -21.66 -2.32
CA ALA A 54 3.45 -22.94 -2.57
C ALA A 54 4.21 -24.04 -1.81
N HIS A 55 5.50 -23.85 -1.60
CA HIS A 55 6.28 -24.87 -0.89
C HIS A 55 5.92 -24.93 0.60
N LEU A 56 5.41 -23.84 1.14
CA LEU A 56 5.01 -23.87 2.54
C LEU A 56 3.64 -24.55 2.67
N TYR A 57 2.82 -24.51 1.62
CA TYR A 57 1.50 -25.12 1.69
C TYR A 57 1.40 -26.54 1.19
N GLY A 58 2.56 -27.19 1.04
CA GLY A 58 2.61 -28.56 0.65
C GLY A 58 2.49 -29.01 -0.82
N ILE A 59 2.91 -28.17 -1.76
CA ILE A 59 2.83 -28.54 -3.16
C ILE A 59 3.68 -29.79 -3.46
N ALA A 60 4.75 -29.99 -2.70
CA ALA A 60 5.58 -31.18 -2.89
C ALA A 60 5.28 -32.16 -1.77
N GLY A 61 4.11 -31.98 -1.15
CA GLY A 61 3.71 -32.80 -0.04
C GLY A 61 4.38 -32.23 1.19
N SER A 62 4.35 -32.91 2.33
CA SER A 62 5.11 -32.52 3.50
C SER A 62 5.15 -33.61 4.55
N THR A 63 4.91 -34.84 4.11
CA THR A 63 4.91 -36.02 5.00
C THR A 63 4.20 -35.73 6.32
N ASN A 64 3.17 -34.87 6.24
CA ASN A 64 2.38 -34.49 7.41
C ASN A 64 3.29 -34.13 8.61
N VAL A 65 4.11 -33.09 8.48
CA VAL A 65 4.98 -32.66 9.52
C VAL A 65 5.60 -31.29 9.21
N THR A 66 4.76 -30.26 9.25
CA THR A 66 5.20 -28.89 9.01
C THR A 66 4.33 -27.90 9.81
N GLY A 67 4.43 -27.99 11.14
CA GLY A 67 3.68 -27.09 11.99
C GLY A 67 4.07 -25.69 11.59
N ASP A 68 3.15 -24.74 11.70
CA ASP A 68 3.46 -23.38 11.32
C ASP A 68 4.54 -22.80 12.24
N GLN A 69 5.78 -23.22 11.97
CA GLN A 69 7.00 -22.80 12.69
C GLN A 69 7.96 -22.20 11.66
N VAL A 70 7.41 -21.53 10.65
CA VAL A 70 8.23 -20.92 9.61
C VAL A 70 8.75 -19.57 10.16
N LYS A 71 10.02 -19.26 9.92
CA LYS A 71 10.56 -18.00 10.39
C LYS A 71 9.69 -16.91 9.79
N LYS A 72 9.22 -16.01 10.64
CA LYS A 72 8.34 -14.96 10.20
C LYS A 72 9.03 -13.84 9.48
N LEU A 73 8.39 -13.35 8.42
CA LEU A 73 8.89 -12.28 7.59
C LEU A 73 9.62 -11.20 8.36
N ASP A 74 9.04 -10.75 9.47
CA ASP A 74 9.67 -9.71 10.27
C ASP A 74 11.06 -10.15 10.70
N VAL A 75 11.16 -11.36 11.23
CA VAL A 75 12.43 -11.91 11.69
C VAL A 75 13.39 -12.23 10.51
N LEU A 76 12.85 -12.72 9.38
CA LEU A 76 13.69 -13.03 8.22
C LEU A 76 14.40 -11.78 7.70
N SER A 77 13.71 -10.65 7.73
CA SER A 77 14.27 -9.39 7.27
C SER A 77 15.48 -8.96 8.10
N ASN A 78 15.37 -9.11 9.43
CA ASN A 78 16.47 -8.71 10.30
C ASN A 78 17.69 -9.56 9.96
N ASP A 79 17.47 -10.87 9.90
CA ASP A 79 18.53 -11.81 9.58
C ASP A 79 19.21 -11.46 8.28
N LEU A 80 18.42 -11.11 7.27
CA LEU A 80 19.00 -10.76 5.99
C LEU A 80 19.87 -9.51 6.12
N VAL A 81 19.34 -8.46 6.73
CA VAL A 81 20.13 -7.23 6.86
C VAL A 81 21.40 -7.40 7.73
N ILE A 82 21.27 -8.04 8.89
CA ILE A 82 22.44 -8.22 9.75
C ILE A 82 23.59 -8.93 9.03
N ASN A 83 23.30 -10.14 8.57
CA ASN A 83 24.28 -10.96 7.89
C ASN A 83 24.85 -10.36 6.62
N VAL A 84 24.02 -9.75 5.80
CA VAL A 84 24.53 -9.15 4.57
C VAL A 84 25.40 -7.95 4.91
N LEU A 85 24.98 -7.08 5.84
CA LEU A 85 25.82 -5.94 6.20
C LEU A 85 27.08 -6.43 6.90
N LYS A 86 26.96 -7.49 7.69
CA LYS A 86 28.14 -8.02 8.38
C LYS A 86 29.13 -8.70 7.42
N SER A 87 28.74 -8.89 6.16
CA SER A 87 29.64 -9.52 5.19
C SER A 87 30.25 -8.47 4.28
N SER A 88 29.87 -7.22 4.50
CA SER A 88 30.38 -6.10 3.70
C SER A 88 31.76 -5.65 4.17
N PHE A 89 32.07 -5.99 5.42
CA PHE A 89 33.34 -5.62 6.06
C PHE A 89 33.45 -4.11 6.22
N ALA A 90 32.31 -3.42 6.11
CA ALA A 90 32.32 -1.96 6.23
C ALA A 90 31.64 -1.43 7.49
N THR A 91 31.28 -2.31 8.42
CA THR A 91 30.60 -1.87 9.63
C THR A 91 31.15 -2.43 10.93
N CYS A 92 30.96 -1.66 12.01
CA CYS A 92 31.40 -2.06 13.34
C CYS A 92 30.24 -2.06 14.34
N VAL A 93 29.28 -1.15 14.14
CA VAL A 93 28.12 -1.07 15.02
C VAL A 93 26.85 -1.07 14.16
N LEU A 94 25.88 -1.88 14.57
CA LEU A 94 24.60 -2.02 13.90
C LEU A 94 23.47 -1.91 14.93
N VAL A 95 22.51 -1.04 14.67
CA VAL A 95 21.37 -0.89 15.57
C VAL A 95 20.15 -1.26 14.75
N SER A 96 19.28 -2.09 15.32
CA SER A 96 18.07 -2.53 14.64
C SER A 96 16.86 -2.49 15.55
N GLU A 97 15.69 -2.21 14.98
CA GLU A 97 14.50 -2.15 15.81
C GLU A 97 14.23 -3.48 16.49
N GLU A 98 14.68 -4.57 15.85
CA GLU A 98 14.46 -5.91 16.37
C GLU A 98 15.40 -6.35 17.47
N ASP A 99 16.39 -5.52 17.81
CA ASP A 99 17.35 -5.90 18.82
C ASP A 99 17.50 -4.90 19.96
N LYS A 100 17.39 -5.39 21.18
CA LYS A 100 17.50 -4.55 22.35
C LYS A 100 18.83 -3.81 22.44
N ASN A 101 19.93 -4.47 22.12
CA ASN A 101 21.20 -3.76 22.20
C ASN A 101 21.86 -3.64 20.85
N ALA A 102 22.75 -2.67 20.72
CA ALA A 102 23.45 -2.46 19.47
C ALA A 102 24.26 -3.70 19.20
N ILE A 103 24.33 -4.10 17.94
CA ILE A 103 25.11 -5.28 17.59
C ILE A 103 26.55 -4.85 17.35
N ILE A 104 27.48 -5.53 18.02
CA ILE A 104 28.88 -5.22 17.87
C ILE A 104 29.45 -6.22 16.88
N VAL A 105 30.04 -5.71 15.80
CA VAL A 105 30.57 -6.56 14.76
C VAL A 105 31.90 -7.23 15.12
N GLU A 106 32.07 -8.48 14.70
CA GLU A 106 33.28 -9.26 14.94
C GLU A 106 34.46 -8.45 14.42
N PRO A 107 35.60 -8.48 15.14
CA PRO A 107 36.81 -7.73 14.73
C PRO A 107 37.29 -8.06 13.33
N GLU A 108 37.35 -9.37 13.02
CA GLU A 108 37.83 -9.80 11.72
C GLU A 108 37.04 -9.29 10.52
N LYS A 109 35.94 -8.59 10.74
CA LYS A 109 35.12 -8.06 9.65
C LYS A 109 34.68 -6.62 9.80
N ARG A 110 34.98 -6.00 10.94
CA ARG A 110 34.58 -4.61 11.19
C ARG A 110 35.08 -3.61 10.15
N GLY A 111 34.31 -2.54 9.99
CA GLY A 111 34.63 -1.47 9.08
C GLY A 111 34.39 -0.17 9.82
N LYS A 112 34.53 0.96 9.15
CA LYS A 112 34.35 2.25 9.79
C LYS A 112 32.92 2.83 9.72
N TYR A 113 31.91 1.99 9.58
CA TYR A 113 30.54 2.53 9.52
C TYR A 113 29.60 1.97 10.57
N VAL A 114 28.60 2.79 10.89
CA VAL A 114 27.56 2.46 11.87
C VAL A 114 26.24 2.54 11.12
N VAL A 115 25.40 1.51 11.29
CA VAL A 115 24.12 1.50 10.62
C VAL A 115 22.95 1.26 11.57
N CYS A 116 21.95 2.13 11.45
CA CYS A 116 20.74 2.05 12.23
C CYS A 116 19.67 1.69 11.21
N PHE A 117 18.94 0.60 11.43
CA PHE A 117 17.94 0.22 10.45
C PHE A 117 16.71 -0.43 11.03
N ASP A 118 15.66 -0.39 10.21
CA ASP A 118 14.41 -1.00 10.50
C ASP A 118 14.26 -1.97 9.34
N PRO A 119 14.55 -3.26 9.59
CA PRO A 119 14.47 -4.27 8.55
C PRO A 119 13.09 -4.32 7.88
N LEU A 120 12.03 -4.16 8.68
CA LEU A 120 10.69 -4.16 8.14
C LEU A 120 9.78 -3.18 8.89
N ASP A 121 9.45 -2.09 8.24
CA ASP A 121 8.57 -1.07 8.81
C ASP A 121 7.16 -1.19 8.22
N GLY A 122 6.16 -1.05 9.10
CA GLY A 122 4.77 -1.15 8.69
C GLY A 122 4.18 -2.45 9.20
N SER A 123 4.65 -2.89 10.37
CA SER A 123 4.19 -4.15 10.99
C SER A 123 2.68 -4.35 10.98
N SER A 124 1.93 -3.33 11.39
CA SER A 124 0.48 -3.43 11.42
C SER A 124 -0.12 -3.74 10.04
N ASN A 125 0.56 -3.33 8.97
CA ASN A 125 0.06 -3.58 7.62
C ASN A 125 0.55 -4.88 7.00
N ILE A 126 1.43 -5.60 7.70
CA ILE A 126 1.94 -6.86 7.18
C ILE A 126 0.85 -7.87 6.79
N ASP A 127 0.06 -8.33 7.76
CA ASP A 127 -1.01 -9.31 7.46
C ASP A 127 -2.12 -8.88 6.50
N CYS A 128 -2.28 -7.59 6.23
CA CYS A 128 -3.34 -7.16 5.33
C CYS A 128 -2.81 -6.79 3.96
N LEU A 129 -1.53 -7.09 3.74
CA LEU A 129 -0.84 -6.88 2.48
C LEU A 129 -0.61 -5.44 2.07
N VAL A 130 -0.59 -4.52 3.03
CA VAL A 130 -0.31 -3.14 2.69
C VAL A 130 1.21 -2.95 2.56
N SER A 131 1.60 -1.95 1.78
CA SER A 131 3.01 -1.64 1.55
C SER A 131 3.81 -1.61 2.83
N ILE A 132 5.04 -2.10 2.77
CA ILE A 132 5.94 -2.08 3.92
C ILE A 132 7.32 -1.72 3.43
N GLY A 133 8.31 -1.63 4.34
CA GLY A 133 9.63 -1.25 3.87
C GLY A 133 10.78 -1.43 4.85
N THR A 134 11.98 -1.13 4.38
CA THR A 134 13.22 -1.23 5.15
C THR A 134 13.85 0.16 5.26
N ILE A 135 14.12 0.60 6.49
CA ILE A 135 14.69 1.94 6.67
C ILE A 135 16.13 1.94 7.21
N PHE A 136 16.95 2.85 6.68
CA PHE A 136 18.35 2.92 7.13
C PHE A 136 19.02 4.29 7.09
N GLY A 137 19.94 4.46 8.03
CA GLY A 137 20.73 5.67 8.15
C GLY A 137 22.14 5.22 8.43
N ILE A 138 23.12 5.75 7.71
CA ILE A 138 24.50 5.34 7.94
C ILE A 138 25.41 6.44 8.48
N TYR A 139 26.19 6.10 9.51
CA TYR A 139 27.15 7.02 10.16
C TYR A 139 28.55 6.45 10.13
N ARG A 140 29.56 7.29 9.95
CA ARG A 140 30.94 6.81 9.99
C ARG A 140 31.29 6.86 11.47
N LYS A 141 32.17 5.98 11.94
CA LYS A 141 32.52 6.01 13.37
C LYS A 141 33.06 7.37 13.75
N ASN A 142 32.78 7.80 14.97
CA ASN A 142 33.20 9.12 15.45
C ASN A 142 34.35 9.16 16.47
N SER A 143 35.04 8.03 16.66
CA SER A 143 36.17 7.99 17.60
C SER A 143 37.05 6.75 17.42
N THR A 144 37.89 6.46 18.41
CA THR A 144 38.76 5.30 18.34
C THR A 144 38.51 4.32 19.49
N ASP A 145 37.51 4.62 20.33
CA ASP A 145 37.20 3.75 21.45
C ASP A 145 36.79 2.39 20.88
N GLU A 146 36.81 1.34 21.71
CA GLU A 146 36.40 0.03 21.23
C GLU A 146 34.92 0.15 20.90
N PRO A 147 34.49 -0.40 19.75
CA PRO A 147 33.09 -0.35 19.33
C PRO A 147 32.09 -0.66 20.44
N SER A 148 31.02 0.12 20.49
CA SER A 148 29.95 -0.06 21.48
C SER A 148 28.75 0.79 21.04
N GLU A 149 27.58 0.58 21.65
CA GLU A 149 26.39 1.34 21.29
C GLU A 149 26.71 2.83 21.06
N LYS A 150 27.61 3.35 21.89
CA LYS A 150 28.04 4.75 21.82
C LYS A 150 28.03 5.35 20.42
N ASP A 151 28.48 4.60 19.43
CA ASP A 151 28.55 5.13 18.09
C ASP A 151 27.22 5.26 17.39
N ALA A 152 26.20 4.67 17.99
CA ALA A 152 24.86 4.69 17.43
C ALA A 152 24.18 6.00 17.76
N LEU A 153 24.53 6.57 18.92
CA LEU A 153 23.93 7.83 19.38
C LEU A 153 24.42 9.12 18.73
N GLN A 154 24.76 9.07 17.45
CA GLN A 154 25.20 10.28 16.77
C GLN A 154 23.96 10.95 16.17
N PRO A 155 23.92 12.30 16.20
CA PRO A 155 22.76 13.00 15.64
C PRO A 155 22.65 12.85 14.12
N GLY A 156 21.42 12.76 13.61
CA GLY A 156 21.21 12.61 12.19
C GLY A 156 21.96 13.66 11.37
N ARG A 157 22.31 14.77 12.00
CA ARG A 157 23.01 15.83 11.30
C ARG A 157 24.32 15.27 10.73
N ASN A 158 24.86 14.25 11.40
CA ASN A 158 26.12 13.61 10.96
C ASN A 158 25.98 12.38 10.03
N LEU A 159 24.83 12.21 9.37
CA LEU A 159 24.62 11.09 8.45
C LEU A 159 25.41 11.26 7.14
N VAL A 160 26.03 10.18 6.67
CA VAL A 160 26.76 10.24 5.42
C VAL A 160 25.80 9.79 4.30
N ALA A 161 24.85 8.91 4.66
CA ALA A 161 23.86 8.42 3.71
C ALA A 161 22.64 7.90 4.45
N ALA A 162 21.47 7.99 3.82
CA ALA A 162 20.24 7.51 4.44
C ALA A 162 19.24 7.11 3.36
N GLY A 163 18.26 6.31 3.74
CA GLY A 163 17.28 5.94 2.75
C GLY A 163 16.30 4.88 3.18
N TYR A 164 15.60 4.35 2.19
CA TYR A 164 14.60 3.33 2.44
C TYR A 164 14.24 2.53 1.20
N ALA A 165 13.66 1.36 1.44
CA ALA A 165 13.22 0.51 0.35
C ALA A 165 11.73 0.36 0.54
N LEU A 166 10.96 0.73 -0.47
CA LEU A 166 9.51 0.62 -0.41
C LEU A 166 9.01 -0.64 -1.18
N TYR A 167 8.41 -1.58 -0.47
CA TYR A 167 7.89 -2.76 -1.12
C TYR A 167 6.40 -2.55 -1.30
N GLY A 168 6.04 -1.83 -2.35
CA GLY A 168 4.64 -1.53 -2.62
C GLY A 168 4.14 -2.19 -3.88
N SER A 169 3.42 -1.43 -4.71
CA SER A 169 2.91 -1.97 -5.97
C SER A 169 4.14 -2.45 -6.73
N ALA A 170 5.24 -1.71 -6.57
CA ALA A 170 6.54 -2.08 -7.14
C ALA A 170 7.53 -1.81 -6.03
N THR A 171 8.78 -2.25 -6.21
CA THR A 171 9.80 -2.00 -5.18
C THR A 171 10.76 -0.89 -5.59
N MET A 172 10.96 0.07 -4.70
CA MET A 172 11.86 1.18 -4.97
C MET A 172 12.80 1.49 -3.82
N LEU A 173 14.05 1.79 -4.17
CA LEU A 173 15.02 2.14 -3.17
C LEU A 173 15.36 3.62 -3.33
N VAL A 174 15.12 4.39 -2.28
CA VAL A 174 15.41 5.82 -2.28
C VAL A 174 16.65 6.04 -1.40
N LEU A 175 17.71 6.57 -2.01
CA LEU A 175 18.96 6.83 -1.32
C LEU A 175 19.31 8.30 -1.28
N ALA A 176 19.58 8.78 -0.07
CA ALA A 176 19.94 10.18 0.15
C ALA A 176 21.39 10.28 0.60
N MET A 177 22.17 11.10 -0.10
CA MET A 177 23.57 11.32 0.28
C MET A 177 23.90 12.82 0.20
N VAL A 178 25.00 13.22 0.82
CA VAL A 178 25.40 14.63 0.83
C VAL A 178 24.95 15.43 -0.39
N ASN A 179 25.15 14.88 -1.58
CA ASN A 179 24.79 15.62 -2.79
C ASN A 179 23.32 15.62 -3.28
N GLY A 180 22.43 14.89 -2.60
CA GLY A 180 21.05 14.84 -3.05
C GLY A 180 20.31 13.53 -2.83
N VAL A 181 19.16 13.38 -3.46
CA VAL A 181 18.34 12.17 -3.33
C VAL A 181 17.96 11.58 -4.69
N ASN A 182 18.12 10.26 -4.81
CA ASN A 182 17.83 9.57 -6.06
C ASN A 182 16.92 8.38 -5.85
N CYS A 183 16.03 8.16 -6.81
CA CYS A 183 15.12 7.04 -6.70
C CYS A 183 15.47 5.97 -7.70
N PHE A 184 15.64 4.75 -7.20
CA PHE A 184 16.00 3.60 -8.01
C PHE A 184 14.90 2.54 -8.01
N MET A 185 14.40 2.17 -9.18
CA MET A 185 13.33 1.17 -9.30
C MET A 185 13.93 -0.22 -9.48
N LEU A 186 13.49 -1.16 -8.67
CA LEU A 186 13.96 -2.54 -8.79
C LEU A 186 13.28 -3.24 -9.96
N ASP A 187 14.09 -3.73 -10.87
CA ASP A 187 13.65 -4.52 -11.96
C ASP A 187 13.68 -5.91 -11.38
N PRO A 188 12.57 -6.51 -10.93
CA PRO A 188 12.75 -7.83 -10.30
C PRO A 188 13.11 -8.98 -11.26
N ALA A 189 13.05 -8.71 -12.56
CA ALA A 189 13.34 -9.74 -13.55
C ALA A 189 14.85 -10.03 -13.69
N ILE A 190 15.69 -9.04 -13.43
CA ILE A 190 17.11 -9.28 -13.52
C ILE A 190 17.82 -8.91 -12.22
N GLY A 191 17.09 -8.25 -11.32
CA GLY A 191 17.67 -7.88 -10.03
C GLY A 191 18.59 -6.67 -10.03
N GLU A 192 18.19 -5.64 -10.75
CA GLU A 192 18.94 -4.40 -10.83
C GLU A 192 18.03 -3.22 -10.46
N PHE A 193 18.56 -2.26 -9.70
CA PHE A 193 17.79 -1.09 -9.32
C PHE A 193 18.13 -0.05 -10.38
N ILE A 194 17.15 0.36 -11.15
CA ILE A 194 17.38 1.35 -12.22
C ILE A 194 17.02 2.73 -11.70
N LEU A 195 17.82 3.72 -12.11
CA LEU A 195 17.64 5.10 -11.70
C LEU A 195 16.54 5.73 -12.54
N VAL A 196 15.48 6.18 -11.88
CA VAL A 196 14.36 6.76 -12.60
C VAL A 196 14.10 8.21 -12.27
N ASP A 197 14.57 8.67 -11.12
CA ASP A 197 14.38 10.06 -10.75
C ASP A 197 15.69 10.55 -10.14
N ARG A 198 16.30 11.53 -10.81
CA ARG A 198 17.58 12.07 -10.38
C ARG A 198 17.45 13.40 -9.61
N ASP A 199 18.25 13.54 -8.56
CA ASP A 199 18.28 14.73 -7.70
C ASP A 199 16.86 15.20 -7.43
N VAL A 200 16.11 14.34 -6.77
CA VAL A 200 14.71 14.61 -6.47
C VAL A 200 14.51 15.72 -5.42
N LYS A 201 13.51 16.57 -5.65
CA LYS A 201 13.20 17.66 -4.74
C LYS A 201 11.70 17.62 -4.42
N ILE A 202 11.35 17.93 -3.19
CA ILE A 202 9.95 17.94 -2.79
C ILE A 202 9.28 19.25 -3.23
N LYS A 203 7.96 19.20 -3.36
CA LYS A 203 7.18 20.36 -3.77
C LYS A 203 7.17 21.39 -2.62
N LYS A 204 7.11 22.67 -2.95
CA LYS A 204 7.11 23.71 -1.91
C LYS A 204 5.93 23.59 -0.96
N LYS A 205 4.75 23.40 -1.51
CA LYS A 205 3.56 23.22 -0.69
C LYS A 205 2.73 22.13 -1.36
N GLY A 206 2.29 21.16 -0.56
CA GLY A 206 1.49 20.08 -1.11
C GLY A 206 0.00 20.31 -0.89
N SER A 207 -0.80 19.26 -1.06
CA SER A 207 -2.24 19.34 -0.87
C SER A 207 -2.80 18.11 -0.17
N ILE A 208 -1.96 17.40 0.58
CA ILE A 208 -2.37 16.20 1.31
C ILE A 208 -1.77 16.27 2.71
N TYR A 209 -2.54 15.91 3.73
CA TYR A 209 -1.98 15.90 5.07
C TYR A 209 -2.17 14.46 5.54
N SER A 210 -1.19 13.93 6.26
CA SER A 210 -1.23 12.55 6.69
C SER A 210 -0.87 12.43 8.14
N ILE A 211 -1.79 11.83 8.90
CA ILE A 211 -1.66 11.62 10.35
C ILE A 211 -2.84 10.75 10.72
N ASN A 212 -2.74 10.04 11.85
CA ASN A 212 -3.81 9.15 12.33
C ASN A 212 -4.79 9.97 13.19
N GLU A 213 -5.96 10.26 12.64
CA GLU A 213 -6.93 11.06 13.38
C GLU A 213 -7.64 10.34 14.53
N GLY A 214 -7.47 9.02 14.62
CA GLY A 214 -8.08 8.32 15.72
C GLY A 214 -7.46 8.80 17.03
N TYR A 215 -6.44 9.66 16.97
CA TYR A 215 -5.82 10.18 18.19
C TYR A 215 -6.33 11.57 18.50
N ALA A 216 -7.34 12.02 17.76
CA ALA A 216 -7.90 13.36 17.96
C ALA A 216 -7.99 13.80 19.43
N LYS A 217 -8.60 12.96 20.26
CA LYS A 217 -8.78 13.26 21.68
C LYS A 217 -7.47 13.48 22.43
N GLU A 218 -6.34 13.12 21.83
CA GLU A 218 -5.08 13.33 22.50
C GLU A 218 -4.13 14.35 21.85
N PHE A 219 -4.52 14.95 20.72
CA PHE A 219 -3.66 15.94 20.05
C PHE A 219 -3.41 17.23 20.85
N ASP A 220 -2.26 17.85 20.62
CA ASP A 220 -1.96 19.09 21.28
C ASP A 220 -2.66 20.22 20.48
N PRO A 221 -2.91 21.36 21.12
CA PRO A 221 -3.55 22.54 20.54
C PRO A 221 -3.09 22.94 19.13
N ALA A 222 -1.80 22.75 18.86
CA ALA A 222 -1.24 23.09 17.55
C ALA A 222 -1.69 22.11 16.46
N ILE A 223 -1.55 20.81 16.75
CA ILE A 223 -1.97 19.78 15.79
C ILE A 223 -3.44 19.99 15.55
N THR A 224 -4.20 20.11 16.65
CA THR A 224 -5.64 20.32 16.54
C THR A 224 -5.94 21.50 15.62
N GLU A 225 -5.34 22.66 15.88
CA GLU A 225 -5.60 23.81 15.02
C GLU A 225 -5.24 23.52 13.56
N TYR A 226 -4.02 23.04 13.32
CA TYR A 226 -3.59 22.74 11.96
C TYR A 226 -4.63 21.91 11.18
N ILE A 227 -5.09 20.82 11.78
CA ILE A 227 -6.05 19.97 11.11
C ILE A 227 -7.32 20.72 10.70
N GLN A 228 -7.82 21.60 11.57
CA GLN A 228 -9.03 22.36 11.24
C GLN A 228 -8.80 23.20 9.96
N ARG A 229 -7.58 23.72 9.80
CA ARG A 229 -7.24 24.51 8.63
C ARG A 229 -7.25 23.75 7.31
N LYS A 230 -6.77 22.50 7.34
CA LYS A 230 -6.73 21.70 6.13
C LYS A 230 -8.16 21.34 5.66
N LYS A 231 -9.04 21.07 6.61
CA LYS A 231 -10.42 20.73 6.31
C LYS A 231 -11.26 22.00 6.10
N PHE A 232 -11.03 23.01 6.94
CA PHE A 232 -11.76 24.29 6.85
C PHE A 232 -10.79 25.47 6.66
N PRO A 233 -10.32 25.68 5.43
CA PRO A 233 -9.36 26.76 5.13
C PRO A 233 -9.82 28.18 5.52
N PRO A 234 -9.21 28.74 6.57
CA PRO A 234 -9.58 30.08 7.02
C PRO A 234 -9.66 31.03 5.82
N ASP A 235 -8.71 30.91 4.90
CA ASP A 235 -8.69 31.76 3.71
C ASP A 235 -9.59 31.23 2.59
N ASN A 236 -10.55 30.39 2.97
CA ASN A 236 -11.49 29.82 2.00
C ASN A 236 -10.85 29.10 0.82
N SER A 237 -9.68 28.50 1.00
CA SER A 237 -9.07 27.79 -0.11
C SER A 237 -9.50 26.32 -0.08
N ALA A 238 -9.07 25.58 -1.09
CA ALA A 238 -9.39 24.15 -1.19
C ALA A 238 -8.85 23.31 -0.03
N PRO A 239 -9.73 22.55 0.61
CA PRO A 239 -9.30 21.69 1.72
C PRO A 239 -8.38 20.64 1.14
N TYR A 240 -7.42 20.20 1.96
CA TYR A 240 -6.46 19.18 1.60
C TYR A 240 -7.11 17.80 1.64
N GLY A 241 -6.66 16.89 0.81
CA GLY A 241 -7.21 15.55 0.86
C GLY A 241 -6.47 14.85 2.00
N ALA A 242 -7.02 13.76 2.51
CA ALA A 242 -6.36 13.03 3.57
C ALA A 242 -5.94 11.62 3.10
N ARG A 243 -4.75 11.22 3.54
CA ARG A 243 -4.17 9.92 3.21
C ARG A 243 -3.34 9.40 4.38
N TYR A 244 -3.57 8.16 4.78
CA TYR A 244 -2.76 7.61 5.86
C TYR A 244 -2.74 6.08 5.79
N VAL A 245 -1.68 5.56 5.18
CA VAL A 245 -1.49 4.13 5.00
C VAL A 245 -1.18 3.36 6.29
N GLY A 246 -0.54 4.02 7.24
CA GLY A 246 -0.24 3.34 8.49
C GLY A 246 1.17 2.79 8.48
N SER A 247 1.83 2.89 7.33
CA SER A 247 3.21 2.45 7.18
C SER A 247 4.01 3.70 6.92
N MET A 248 4.90 4.06 7.83
CA MET A 248 5.69 5.27 7.62
C MET A 248 6.41 5.37 6.27
N VAL A 249 7.09 4.29 5.83
CA VAL A 249 7.79 4.33 4.53
C VAL A 249 6.82 4.73 3.42
N ALA A 250 5.62 4.15 3.46
CA ALA A 250 4.64 4.44 2.44
C ALA A 250 4.11 5.88 2.49
N ASP A 251 3.79 6.37 3.69
CA ASP A 251 3.28 7.73 3.84
C ASP A 251 4.34 8.79 3.49
N VAL A 252 5.56 8.62 4.00
CA VAL A 252 6.67 9.53 3.75
C VAL A 252 6.99 9.52 2.26
N HIS A 253 7.02 8.32 1.69
CA HIS A 253 7.35 8.21 0.27
C HIS A 253 6.40 9.03 -0.55
N ARG A 254 5.09 8.85 -0.31
CA ARG A 254 4.11 9.64 -1.04
C ARG A 254 4.36 11.14 -0.76
N THR A 255 4.65 11.48 0.48
CA THR A 255 4.90 12.88 0.84
C THR A 255 6.03 13.37 -0.05
N LEU A 256 7.12 12.62 -0.06
CA LEU A 256 8.24 13.01 -0.90
C LEU A 256 7.86 13.24 -2.36
N VAL A 257 7.21 12.26 -3.00
CA VAL A 257 6.89 12.41 -4.39
C VAL A 257 5.67 13.25 -4.77
N TYR A 258 4.67 13.34 -3.91
CA TYR A 258 3.49 14.13 -4.24
C TYR A 258 3.46 15.46 -3.51
N GLY A 259 4.03 15.47 -2.31
CA GLY A 259 4.04 16.70 -1.54
C GLY A 259 3.10 16.61 -0.36
N GLY A 260 3.04 17.67 0.42
CA GLY A 260 2.18 17.64 1.57
C GLY A 260 2.97 17.45 2.86
N ILE A 261 2.26 16.96 3.85
CA ILE A 261 2.85 16.79 5.14
C ILE A 261 2.40 15.46 5.74
N PHE A 262 3.26 14.92 6.60
CA PHE A 262 3.05 13.68 7.31
C PHE A 262 3.36 13.96 8.78
N MET A 263 2.43 13.60 9.66
CA MET A 263 2.63 13.86 11.08
C MET A 263 2.43 12.68 12.01
N TYR A 264 3.32 12.58 12.99
CA TYR A 264 3.19 11.58 14.02
C TYR A 264 3.67 12.25 15.31
N PRO A 265 2.78 13.02 15.94
CA PRO A 265 3.10 13.73 17.19
C PRO A 265 2.83 12.95 18.48
N ALA A 266 2.96 13.67 19.59
CA ALA A 266 2.75 13.10 20.90
C ALA A 266 1.26 12.85 21.16
N ASN A 267 0.96 11.80 21.93
CA ASN A 267 -0.40 11.46 22.30
C ASN A 267 -0.33 10.63 23.56
N LYS A 268 -1.46 10.45 24.21
CA LYS A 268 -1.59 9.69 25.47
C LYS A 268 -0.46 8.70 25.74
N LYS A 269 -0.44 7.58 25.02
CA LYS A 269 0.57 6.56 25.21
C LYS A 269 1.97 6.92 24.63
N SER A 270 2.01 7.90 23.74
CA SER A 270 3.28 8.30 23.16
C SER A 270 3.58 9.76 23.45
N PRO A 271 4.04 10.05 24.69
CA PRO A 271 4.37 11.41 25.14
C PRO A 271 5.43 12.04 24.25
N LYS A 272 6.48 11.27 23.97
CA LYS A 272 7.55 11.77 23.11
C LYS A 272 7.35 11.28 21.68
N GLY A 273 6.10 10.95 21.36
CA GLY A 273 5.78 10.43 20.03
C GLY A 273 5.94 8.92 20.02
N LYS A 274 5.71 8.31 18.87
CA LYS A 274 5.85 6.86 18.76
C LYS A 274 7.09 6.46 17.96
N LEU A 275 7.21 7.04 16.76
CA LEU A 275 8.30 6.75 15.85
C LEU A 275 9.69 6.83 16.49
N ARG A 276 10.58 5.93 16.08
CA ARG A 276 11.93 5.86 16.64
C ARG A 276 12.93 6.84 16.03
N LEU A 277 13.72 7.46 16.89
CA LEU A 277 14.71 8.46 16.47
C LEU A 277 15.81 7.94 15.54
N LEU A 278 16.53 6.92 16.01
CA LEU A 278 17.64 6.34 15.26
C LEU A 278 17.29 5.79 13.87
N TYR A 279 16.35 4.85 13.82
CA TYR A 279 16.01 4.20 12.56
C TYR A 279 14.70 4.55 11.86
N GLU A 280 13.98 5.54 12.36
CA GLU A 280 12.74 5.96 11.71
C GLU A 280 12.74 7.48 11.44
N CYS A 281 12.86 8.27 12.50
CA CYS A 281 12.87 9.72 12.35
C CYS A 281 14.09 10.26 11.64
N ASN A 282 15.28 9.88 12.10
CA ASN A 282 16.48 10.39 11.44
C ASN A 282 16.68 10.09 9.96
N PRO A 283 16.57 8.81 9.56
CA PRO A 283 16.77 8.55 8.12
C PRO A 283 15.84 9.42 7.26
N MET A 284 14.54 9.35 7.56
CA MET A 284 13.51 10.09 6.82
C MET A 284 13.70 11.62 6.85
N ALA A 285 14.14 12.15 7.99
CA ALA A 285 14.38 13.58 8.13
C ALA A 285 15.53 13.97 7.17
N TYR A 286 16.59 13.18 7.19
CA TYR A 286 17.73 13.43 6.32
C TYR A 286 17.22 13.40 4.87
N VAL A 287 16.48 12.36 4.53
CA VAL A 287 15.90 12.23 3.20
C VAL A 287 15.10 13.50 2.85
N MET A 288 14.22 13.92 3.75
CA MET A 288 13.42 15.12 3.51
C MET A 288 14.31 16.38 3.33
N GLU A 289 15.21 16.63 4.26
CA GLU A 289 16.04 17.81 4.15
C GLU A 289 16.89 17.75 2.87
N LYS A 290 17.52 16.59 2.62
CA LYS A 290 18.34 16.47 1.43
C LYS A 290 17.51 16.66 0.17
N ALA A 291 16.19 16.48 0.28
CA ALA A 291 15.30 16.63 -0.86
C ALA A 291 14.66 18.02 -0.87
N GLY A 292 15.06 18.86 0.07
CA GLY A 292 14.53 20.22 0.13
C GLY A 292 13.26 20.48 0.92
N GLY A 293 12.99 19.65 1.93
CA GLY A 293 11.80 19.84 2.74
C GLY A 293 12.17 19.94 4.21
N LEU A 294 11.17 20.00 5.09
CA LEU A 294 11.43 20.12 6.53
C LEU A 294 11.03 18.88 7.31
N ALA A 295 11.57 18.76 8.52
CA ALA A 295 11.30 17.64 9.40
C ALA A 295 11.56 18.10 10.82
N THR A 296 10.50 18.32 11.59
CA THR A 296 10.63 18.79 12.96
C THR A 296 9.77 18.09 14.00
N THR A 297 10.16 18.27 15.27
CA THR A 297 9.45 17.67 16.38
C THR A 297 8.25 18.56 16.69
N GLY A 298 8.25 19.72 16.04
CA GLY A 298 7.19 20.71 16.22
C GLY A 298 7.87 21.89 16.88
N LYS A 299 8.95 21.61 17.59
CA LYS A 299 9.70 22.61 18.32
C LYS A 299 11.14 22.79 17.78
N GLU A 300 11.82 21.67 17.55
CA GLU A 300 13.21 21.66 17.04
C GLU A 300 13.33 20.71 15.86
N ALA A 301 14.36 20.90 15.04
CA ALA A 301 14.59 20.04 13.88
C ALA A 301 15.00 18.64 14.35
N VAL A 302 14.46 17.61 13.70
CA VAL A 302 14.76 16.23 14.07
C VAL A 302 16.24 15.84 13.95
N LEU A 303 16.93 16.27 12.90
CA LEU A 303 18.34 15.89 12.75
C LEU A 303 19.30 16.41 13.85
N ASP A 304 18.96 17.53 14.48
CA ASP A 304 19.84 18.07 15.52
C ASP A 304 19.65 17.52 16.93
N ILE A 305 18.70 16.61 17.11
CA ILE A 305 18.48 16.03 18.43
C ILE A 305 19.69 15.18 18.82
N VAL A 306 20.03 15.14 20.11
CA VAL A 306 21.14 14.34 20.56
C VAL A 306 20.56 13.12 21.23
N PRO A 307 20.42 12.01 20.49
CA PRO A 307 19.86 10.76 21.03
C PRO A 307 20.59 10.35 22.29
N THR A 308 19.86 9.77 23.23
CA THR A 308 20.45 9.35 24.50
C THR A 308 20.29 7.88 24.79
N ASP A 309 19.46 7.23 23.97
CA ASP A 309 19.19 5.79 24.06
C ASP A 309 18.91 5.31 22.62
N ILE A 310 19.34 4.10 22.29
CA ILE A 310 19.13 3.59 20.94
C ILE A 310 17.69 3.36 20.47
N HIS A 311 16.74 3.24 21.39
CA HIS A 311 15.37 3.04 20.98
C HIS A 311 14.46 4.17 21.43
N GLN A 312 15.09 5.34 21.54
CA GLN A 312 14.42 6.58 21.93
C GLN A 312 13.40 6.93 20.85
N ARG A 313 12.22 7.36 21.28
CA ARG A 313 11.17 7.75 20.36
C ARG A 313 11.21 9.25 20.23
N ALA A 314 10.66 9.75 19.14
CA ALA A 314 10.61 11.19 18.91
C ALA A 314 9.36 11.54 18.12
N PRO A 315 8.86 12.77 18.29
CA PRO A 315 7.68 13.21 17.55
C PRO A 315 8.30 13.78 16.30
N ILE A 316 7.59 13.68 15.17
CA ILE A 316 8.11 14.24 13.94
C ILE A 316 6.99 14.72 13.07
N ILE A 317 7.34 15.68 12.23
CA ILE A 317 6.46 16.32 11.28
C ILE A 317 7.40 16.61 10.14
N LEU A 318 7.06 16.17 8.93
CA LEU A 318 7.96 16.38 7.80
C LEU A 318 7.14 16.57 6.53
N GLY A 319 7.82 16.95 5.45
CA GLY A 319 7.15 17.18 4.19
C GLY A 319 7.54 18.52 3.58
N SER A 320 6.71 19.01 2.66
CA SER A 320 6.93 20.28 1.99
C SER A 320 7.25 21.37 3.01
N PRO A 321 8.12 22.31 2.64
CA PRO A 321 8.55 23.42 3.50
C PRO A 321 7.40 24.26 4.09
N GLU A 322 6.63 24.88 3.20
CA GLU A 322 5.51 25.71 3.60
C GLU A 322 4.50 24.98 4.47
N ASP A 323 4.16 23.75 4.13
CA ASP A 323 3.21 23.02 4.94
C ASP A 323 3.74 22.90 6.36
N VAL A 324 4.99 22.48 6.49
CA VAL A 324 5.61 22.33 7.80
C VAL A 324 5.83 23.69 8.47
N THR A 325 6.18 24.71 7.69
CA THR A 325 6.40 26.03 8.26
C THR A 325 5.11 26.49 8.95
N GLU A 326 3.98 26.43 8.23
CA GLU A 326 2.69 26.86 8.78
C GLU A 326 2.37 26.17 10.11
N LEU A 327 2.64 24.88 10.19
CA LEU A 327 2.38 24.16 11.44
C LEU A 327 3.33 24.67 12.54
N LEU A 328 4.56 24.98 12.18
CA LEU A 328 5.50 25.50 13.16
C LEU A 328 4.98 26.89 13.58
N GLU A 329 4.44 27.63 12.60
CA GLU A 329 3.89 28.95 12.86
C GLU A 329 2.88 28.77 13.99
N ILE A 330 1.94 27.86 13.83
CA ILE A 330 0.92 27.58 14.85
C ILE A 330 1.53 27.22 16.19
N TYR A 331 2.60 26.43 16.20
CA TYR A 331 3.24 26.05 17.47
C TYR A 331 3.72 27.30 18.22
N GLN A 332 4.34 28.23 17.51
CA GLN A 332 4.80 29.44 18.17
C GLN A 332 3.59 30.16 18.73
N LYS A 333 2.54 30.31 17.93
CA LYS A 333 1.31 30.95 18.37
C LYS A 333 0.94 30.42 19.77
N HIS A 334 1.02 29.11 19.94
CA HIS A 334 0.69 28.48 21.22
C HIS A 334 1.87 28.44 22.21
N ALA A 335 2.85 29.31 21.98
CA ALA A 335 4.02 29.43 22.85
C ALA A 335 4.30 30.91 23.23
N THR B 8 -6.12 -34.55 1.67
CA THR B 8 -6.01 -33.08 1.42
C THR B 8 -4.56 -32.63 1.18
N ASN B 9 -4.42 -31.49 0.51
CA ASN B 9 -3.12 -30.93 0.20
C ASN B 9 -3.36 -29.56 -0.42
N ILE B 10 -2.31 -28.93 -0.91
CA ILE B 10 -2.41 -27.62 -1.52
C ILE B 10 -3.60 -27.51 -2.47
N VAL B 11 -4.22 -26.35 -2.51
CA VAL B 11 -5.34 -26.07 -3.40
C VAL B 11 -4.97 -24.82 -4.17
N THR B 12 -4.92 -24.92 -5.49
CA THR B 12 -4.61 -23.77 -6.34
C THR B 12 -5.97 -23.26 -6.81
N LEU B 13 -6.09 -21.96 -7.08
CA LEU B 13 -7.37 -21.43 -7.54
C LEU B 13 -7.85 -22.28 -8.71
N THR B 14 -6.92 -22.65 -9.59
CA THR B 14 -7.25 -23.48 -10.76
C THR B 14 -7.95 -24.77 -10.34
N ARG B 15 -7.39 -25.43 -9.34
CA ARG B 15 -8.00 -26.65 -8.84
C ARG B 15 -9.39 -26.30 -8.26
N PHE B 16 -9.45 -25.20 -7.52
CA PHE B 16 -10.68 -24.74 -6.90
C PHE B 16 -11.76 -24.41 -7.93
N VAL B 17 -11.40 -23.71 -9.00
CA VAL B 17 -12.39 -23.35 -10.03
C VAL B 17 -12.88 -24.56 -10.84
N MET B 18 -12.04 -25.57 -10.99
CA MET B 18 -12.41 -26.75 -11.77
C MET B 18 -13.39 -27.62 -10.98
N GLU B 19 -13.23 -27.65 -9.65
CA GLU B 19 -14.12 -28.45 -8.82
C GLU B 19 -15.45 -27.76 -8.59
N GLU B 20 -15.48 -26.42 -8.57
CA GLU B 20 -16.77 -25.77 -8.40
C GLU B 20 -17.55 -26.29 -9.61
N GLY B 21 -16.95 -26.09 -10.77
CA GLY B 21 -17.53 -26.52 -12.02
C GLY B 21 -18.08 -27.94 -12.02
N ARG B 22 -17.26 -28.94 -11.70
CA ARG B 22 -17.72 -30.33 -11.68
C ARG B 22 -19.08 -30.38 -11.01
N LYS B 23 -19.14 -29.93 -9.76
CA LYS B 23 -20.38 -29.92 -9.00
C LYS B 23 -21.46 -29.22 -9.82
N ALA B 24 -21.14 -28.01 -10.30
CA ALA B 24 -22.07 -27.21 -11.08
C ALA B 24 -22.74 -28.01 -12.21
N ARG B 25 -22.00 -28.94 -12.79
CA ARG B 25 -22.48 -29.77 -13.89
C ARG B 25 -23.00 -28.98 -15.09
N GLY B 26 -22.25 -27.98 -15.52
CA GLY B 26 -22.70 -27.19 -16.64
C GLY B 26 -21.75 -27.10 -17.82
N THR B 27 -21.96 -26.06 -18.63
CA THR B 27 -21.16 -25.79 -19.81
C THR B 27 -19.65 -25.60 -19.58
N GLY B 28 -19.22 -25.58 -18.32
CA GLY B 28 -17.82 -25.36 -18.01
C GLY B 28 -17.33 -23.94 -18.34
N GLU B 29 -18.24 -23.03 -18.68
CA GLU B 29 -17.90 -21.64 -19.04
C GLU B 29 -17.35 -20.76 -17.91
N MET B 30 -17.92 -20.88 -16.71
CA MET B 30 -17.47 -20.08 -15.57
C MET B 30 -16.01 -20.43 -15.29
N THR B 31 -15.71 -21.72 -15.33
CA THR B 31 -14.37 -22.22 -15.07
C THR B 31 -13.37 -21.61 -16.06
N GLN B 32 -13.74 -21.62 -17.33
CA GLN B 32 -12.89 -21.05 -18.35
C GLN B 32 -12.72 -19.57 -18.06
N LEU B 33 -13.80 -18.92 -17.63
CA LEU B 33 -13.77 -17.50 -17.33
C LEU B 33 -12.82 -17.19 -16.18
N LEU B 34 -12.96 -17.91 -15.06
CA LEU B 34 -12.09 -17.69 -13.93
C LEU B 34 -10.64 -17.98 -14.32
N ASN B 35 -10.43 -18.97 -15.19
CA ASN B 35 -9.09 -19.30 -15.71
C ASN B 35 -8.53 -18.02 -16.36
N SER B 36 -9.33 -17.45 -17.25
CA SER B 36 -8.96 -16.23 -17.98
C SER B 36 -8.53 -15.15 -17.01
N LEU B 37 -9.44 -14.81 -16.11
CA LEU B 37 -9.19 -13.79 -15.12
C LEU B 37 -7.82 -14.02 -14.50
N CYS B 38 -7.59 -15.22 -13.95
CA CYS B 38 -6.33 -15.53 -13.31
C CYS B 38 -5.11 -15.14 -14.16
N THR B 39 -5.15 -15.52 -15.42
CA THR B 39 -4.08 -15.21 -16.35
C THR B 39 -3.92 -13.70 -16.50
N ALA B 40 -5.04 -13.03 -16.54
CA ALA B 40 -5.06 -11.58 -16.68
C ALA B 40 -4.42 -10.96 -15.43
N VAL B 41 -4.82 -11.46 -14.26
CA VAL B 41 -4.31 -10.97 -12.97
C VAL B 41 -2.80 -11.16 -12.85
N LYS B 42 -2.31 -12.36 -13.14
CA LYS B 42 -0.87 -12.61 -13.07
C LYS B 42 -0.05 -11.68 -13.97
N ALA B 43 -0.50 -11.47 -15.21
CA ALA B 43 0.21 -10.55 -16.12
C ALA B 43 0.21 -9.13 -15.56
N ILE B 44 -0.95 -8.66 -15.11
CA ILE B 44 -1.03 -7.31 -14.53
C ILE B 44 -0.10 -7.16 -13.31
N SER B 45 -0.15 -8.14 -12.41
CA SER B 45 0.71 -8.12 -11.22
C SER B 45 2.18 -7.97 -11.65
N THR B 46 2.60 -8.76 -12.64
CA THR B 46 3.96 -8.70 -13.17
C THR B 46 4.27 -7.30 -13.74
N ALA B 47 3.29 -6.68 -14.41
CA ALA B 47 3.48 -5.35 -14.99
C ALA B 47 3.62 -4.31 -13.85
N VAL B 48 2.69 -4.41 -12.90
CA VAL B 48 2.62 -3.55 -11.74
C VAL B 48 3.93 -3.56 -10.96
N ARG B 49 4.55 -4.73 -10.83
CA ARG B 49 5.83 -4.84 -10.14
C ARG B 49 7.03 -4.34 -10.99
N LYS B 50 6.74 -3.90 -12.23
CA LYS B 50 7.76 -3.34 -13.14
C LYS B 50 8.86 -4.25 -13.71
N ALA B 51 8.55 -5.53 -13.92
CA ALA B 51 9.51 -6.44 -14.54
C ALA B 51 9.82 -5.98 -15.98
N GLY B 52 11.11 -5.98 -16.31
CA GLY B 52 11.57 -5.57 -17.62
C GLY B 52 11.77 -4.07 -17.76
N ILE B 53 11.56 -3.33 -16.69
CA ILE B 53 11.71 -1.89 -16.76
C ILE B 53 13.13 -1.47 -17.23
N ALA B 54 14.15 -2.30 -16.96
CA ALA B 54 15.52 -1.96 -17.43
C ALA B 54 15.52 -1.70 -18.94
N HIS B 55 14.71 -2.46 -19.67
CA HIS B 55 14.62 -2.28 -21.11
C HIS B 55 14.12 -0.88 -21.49
N LEU B 56 13.10 -0.39 -20.79
CA LEU B 56 12.58 0.94 -21.08
C LEU B 56 13.69 2.00 -20.88
N TYR B 57 14.58 1.77 -19.93
CA TYR B 57 15.64 2.74 -19.65
C TYR B 57 16.99 2.54 -20.35
N GLY B 58 16.99 1.85 -21.51
CA GLY B 58 18.12 1.69 -22.35
C GLY B 58 19.18 0.66 -22.04
N ILE B 59 18.83 -0.41 -21.34
CA ILE B 59 19.85 -1.39 -21.02
C ILE B 59 20.39 -2.06 -22.26
N ALA B 60 19.64 -1.98 -23.36
CA ALA B 60 20.07 -2.56 -24.62
C ALA B 60 20.23 -1.47 -25.66
N GLY B 61 20.29 -0.23 -25.19
CA GLY B 61 20.47 0.89 -26.09
C GLY B 61 19.20 1.41 -26.74
N SER B 62 19.35 2.50 -27.48
CA SER B 62 18.23 3.13 -28.17
C SER B 62 17.36 2.07 -28.84
N THR B 63 16.09 2.01 -28.47
CA THR B 63 15.16 1.03 -29.05
C THR B 63 14.17 1.72 -30.01
N ASN B 64 14.69 2.77 -30.67
CA ASN B 64 13.91 3.49 -31.71
C ASN B 64 12.44 3.71 -31.34
N VAL B 65 12.15 3.64 -30.04
CA VAL B 65 10.80 3.84 -29.53
C VAL B 65 10.47 5.33 -29.62
N THR B 66 9.39 5.65 -30.32
CA THR B 66 8.95 7.03 -30.44
C THR B 66 7.43 7.17 -30.44
N GLY B 67 6.86 7.58 -31.58
CA GLY B 67 5.42 7.74 -31.70
C GLY B 67 4.67 6.84 -30.74
N ASP B 68 4.99 5.54 -30.78
CA ASP B 68 4.38 4.58 -29.88
C ASP B 68 4.89 4.97 -28.48
N GLN B 69 4.34 6.06 -27.94
CA GLN B 69 4.73 6.49 -26.59
C GLN B 69 4.45 5.26 -25.74
N VAL B 70 5.38 4.88 -24.88
CA VAL B 70 5.20 3.71 -24.02
C VAL B 70 3.76 3.59 -23.47
N LYS B 71 3.24 2.36 -23.37
CA LYS B 71 1.88 2.13 -22.88
C LYS B 71 1.76 2.20 -21.36
N LYS B 72 0.76 2.93 -20.85
CA LYS B 72 0.58 3.07 -19.42
C LYS B 72 0.02 1.84 -18.78
N LEU B 73 0.34 1.66 -17.50
CA LEU B 73 -0.14 0.51 -16.73
C LEU B 73 -1.66 0.37 -16.83
N ASP B 74 -2.37 1.48 -16.67
CA ASP B 74 -3.84 1.47 -16.74
C ASP B 74 -4.39 0.96 -18.08
N VAL B 75 -3.86 1.46 -19.19
CA VAL B 75 -4.28 1.05 -20.52
C VAL B 75 -3.92 -0.43 -20.69
N LEU B 76 -2.67 -0.76 -20.38
CA LEU B 76 -2.21 -2.13 -20.47
C LEU B 76 -3.16 -3.10 -19.75
N SER B 77 -3.36 -2.88 -18.45
CA SER B 77 -4.23 -3.71 -17.66
C SER B 77 -5.61 -3.91 -18.27
N ASN B 78 -6.21 -2.84 -18.77
CA ASN B 78 -7.52 -2.93 -19.38
C ASN B 78 -7.43 -3.86 -20.59
N ASP B 79 -6.43 -3.61 -21.45
CA ASP B 79 -6.25 -4.46 -22.62
C ASP B 79 -6.07 -5.92 -22.23
N LEU B 80 -5.29 -6.19 -21.18
CA LEU B 80 -5.09 -7.59 -20.75
C LEU B 80 -6.45 -8.20 -20.36
N VAL B 81 -7.20 -7.53 -19.49
CA VAL B 81 -8.50 -8.02 -19.08
C VAL B 81 -9.50 -8.14 -20.25
N ILE B 82 -9.60 -7.11 -21.10
CA ILE B 82 -10.53 -7.20 -22.23
C ILE B 82 -10.17 -8.36 -23.15
N ASN B 83 -8.89 -8.49 -23.50
CA ASN B 83 -8.45 -9.59 -24.37
C ASN B 83 -8.61 -10.98 -23.75
N VAL B 84 -8.08 -11.16 -22.56
CA VAL B 84 -8.15 -12.44 -21.90
C VAL B 84 -9.61 -12.88 -21.68
N LEU B 85 -10.53 -11.95 -21.44
CA LEU B 85 -11.95 -12.33 -21.23
C LEU B 85 -12.61 -12.80 -22.52
N LYS B 86 -12.34 -12.08 -23.61
CA LYS B 86 -12.88 -12.47 -24.89
C LYS B 86 -12.44 -13.88 -25.25
N SER B 87 -11.19 -14.19 -24.95
CA SER B 87 -10.60 -15.50 -25.25
C SER B 87 -11.29 -16.62 -24.49
N SER B 88 -12.00 -16.27 -23.41
CA SER B 88 -12.70 -17.25 -22.58
C SER B 88 -13.91 -17.93 -23.23
N PHE B 89 -14.53 -17.26 -24.20
CA PHE B 89 -15.71 -17.79 -24.87
C PHE B 89 -16.82 -18.01 -23.86
N ALA B 90 -16.71 -17.32 -22.71
CA ALA B 90 -17.68 -17.43 -21.63
C ALA B 90 -18.43 -16.13 -21.35
N THR B 91 -18.17 -15.09 -22.14
CA THR B 91 -18.85 -13.82 -21.91
C THR B 91 -19.47 -13.20 -23.16
N CYS B 92 -20.35 -12.22 -22.95
CA CYS B 92 -20.98 -11.54 -24.07
C CYS B 92 -20.94 -10.04 -23.85
N VAL B 93 -20.98 -9.59 -22.60
CA VAL B 93 -20.90 -8.15 -22.35
C VAL B 93 -19.88 -7.78 -21.27
N LEU B 94 -18.98 -6.90 -21.65
CA LEU B 94 -17.94 -6.42 -20.74
C LEU B 94 -18.15 -4.93 -20.44
N VAL B 95 -18.09 -4.57 -19.15
CA VAL B 95 -18.22 -3.19 -18.74
C VAL B 95 -16.95 -2.88 -18.01
N SER B 96 -16.26 -1.86 -18.49
CA SER B 96 -14.98 -1.44 -17.92
C SER B 96 -15.06 0.03 -17.58
N GLU B 97 -14.45 0.42 -16.46
CA GLU B 97 -14.42 1.82 -16.09
C GLU B 97 -13.84 2.62 -17.23
N GLU B 98 -12.78 2.11 -17.84
CA GLU B 98 -12.09 2.78 -18.96
C GLU B 98 -12.88 2.95 -20.25
N ASP B 99 -14.03 2.31 -20.36
CA ASP B 99 -14.82 2.41 -21.56
C ASP B 99 -16.14 3.13 -21.37
N LYS B 100 -16.42 4.09 -22.25
CA LYS B 100 -17.63 4.88 -22.16
C LYS B 100 -18.88 4.04 -22.41
N ASN B 101 -18.72 2.93 -23.14
CA ASN B 101 -19.84 2.03 -23.46
C ASN B 101 -19.52 0.60 -23.16
N ALA B 102 -20.58 -0.19 -22.95
CA ALA B 102 -20.40 -1.60 -22.65
C ALA B 102 -19.83 -2.27 -23.89
N ILE B 103 -18.88 -3.18 -23.69
CA ILE B 103 -18.28 -3.89 -24.81
C ILE B 103 -19.08 -5.15 -25.14
N ILE B 104 -19.66 -5.20 -26.33
CA ILE B 104 -20.42 -6.36 -26.73
C ILE B 104 -19.45 -7.31 -27.40
N VAL B 105 -19.30 -8.49 -26.83
CA VAL B 105 -18.40 -9.49 -27.38
C VAL B 105 -18.91 -9.97 -28.73
N GLU B 106 -18.02 -9.93 -29.73
CA GLU B 106 -18.38 -10.35 -31.08
C GLU B 106 -19.06 -11.72 -30.99
N PRO B 107 -20.06 -11.97 -31.87
CA PRO B 107 -20.79 -13.25 -31.86
C PRO B 107 -19.94 -14.50 -31.92
N GLU B 108 -18.90 -14.48 -32.75
CA GLU B 108 -18.03 -15.63 -32.90
C GLU B 108 -17.12 -15.95 -31.72
N LYS B 109 -17.46 -15.43 -30.54
CA LYS B 109 -16.69 -15.65 -29.30
C LYS B 109 -17.61 -15.49 -28.08
N ARG B 110 -18.92 -15.38 -28.29
CA ARG B 110 -19.86 -15.18 -27.19
C ARG B 110 -20.15 -16.30 -26.22
N GLY B 111 -20.10 -15.94 -24.94
CA GLY B 111 -20.39 -16.87 -23.86
C GLY B 111 -21.64 -16.32 -23.19
N LYS B 112 -22.10 -16.91 -22.10
CA LYS B 112 -23.32 -16.43 -21.47
C LYS B 112 -23.15 -15.48 -20.28
N TYR B 113 -21.93 -15.04 -20.00
CA TYR B 113 -21.71 -14.18 -18.85
C TYR B 113 -21.45 -12.69 -19.15
N VAL B 114 -21.79 -11.85 -18.19
CA VAL B 114 -21.59 -10.41 -18.28
C VAL B 114 -20.64 -10.10 -17.15
N VAL B 115 -19.57 -9.38 -17.46
CA VAL B 115 -18.59 -9.04 -16.43
C VAL B 115 -18.34 -7.52 -16.37
N CYS B 116 -18.35 -7.00 -15.15
CA CYS B 116 -18.11 -5.58 -14.90
C CYS B 116 -16.78 -5.57 -14.18
N PHE B 117 -15.83 -4.78 -14.66
CA PHE B 117 -14.55 -4.74 -14.00
C PHE B 117 -13.86 -3.37 -14.01
N ASP B 118 -12.88 -3.24 -13.14
CA ASP B 118 -12.06 -2.05 -13.01
C ASP B 118 -10.64 -2.65 -13.14
N PRO B 119 -10.05 -2.60 -14.35
CA PRO B 119 -8.70 -3.14 -14.59
C PRO B 119 -7.64 -2.75 -13.55
N LEU B 120 -7.69 -1.50 -13.10
CA LEU B 120 -6.78 -1.03 -12.05
C LEU B 120 -7.44 0.08 -11.28
N ASP B 121 -7.65 -0.18 -10.00
CA ASP B 121 -8.26 0.73 -9.07
C ASP B 121 -7.19 1.37 -8.18
N GLY B 122 -7.47 2.59 -7.71
CA GLY B 122 -6.54 3.34 -6.87
C GLY B 122 -5.54 4.15 -7.69
N SER B 123 -5.94 4.51 -8.91
CA SER B 123 -5.08 5.24 -9.83
C SER B 123 -4.34 6.44 -9.27
N SER B 124 -4.81 7.01 -8.15
CA SER B 124 -4.11 8.15 -7.58
C SER B 124 -2.85 7.67 -6.84
N ASN B 125 -2.80 6.39 -6.50
CA ASN B 125 -1.64 5.81 -5.79
C ASN B 125 -0.60 5.18 -6.72
N ILE B 126 -0.83 5.21 -8.02
CA ILE B 126 0.10 4.61 -8.99
C ILE B 126 1.52 5.22 -8.93
N ASP B 127 1.64 6.53 -9.18
CA ASP B 127 2.95 7.20 -9.17
C ASP B 127 3.68 7.18 -7.85
N CYS B 128 3.00 6.87 -6.74
CA CYS B 128 3.68 6.82 -5.44
C CYS B 128 3.93 5.38 -4.94
N LEU B 129 3.67 4.40 -5.82
CA LEU B 129 3.86 2.98 -5.51
C LEU B 129 2.99 2.42 -4.40
N VAL B 130 1.82 2.99 -4.21
CA VAL B 130 0.97 2.45 -3.18
C VAL B 130 0.10 1.35 -3.78
N SER B 131 -0.34 0.44 -2.93
CA SER B 131 -1.17 -0.67 -3.35
C SER B 131 -2.28 -0.27 -4.29
N ILE B 132 -2.48 -1.04 -5.36
CA ILE B 132 -3.56 -0.83 -6.30
C ILE B 132 -4.14 -2.22 -6.54
N GLY B 133 -5.20 -2.32 -7.34
CA GLY B 133 -5.82 -3.61 -7.60
C GLY B 133 -6.81 -3.68 -8.76
N THR B 134 -7.34 -4.87 -9.01
CA THR B 134 -8.32 -5.06 -10.08
C THR B 134 -9.63 -5.57 -9.42
N ILE B 135 -10.75 -4.95 -9.77
CA ILE B 135 -12.04 -5.34 -9.20
C ILE B 135 -12.91 -5.91 -10.29
N PHE B 136 -13.57 -7.02 -10.00
CA PHE B 136 -14.44 -7.66 -10.99
C PHE B 136 -15.72 -8.21 -10.38
N GLY B 137 -16.78 -8.14 -11.18
CA GLY B 137 -18.09 -8.64 -10.76
C GLY B 137 -18.62 -9.35 -11.96
N ILE B 138 -19.21 -10.53 -11.75
CA ILE B 138 -19.70 -11.38 -12.84
C ILE B 138 -21.21 -11.67 -12.82
N TYR B 139 -21.85 -11.53 -13.98
CA TYR B 139 -23.30 -11.80 -14.11
C TYR B 139 -23.61 -12.80 -15.22
N ARG B 140 -24.76 -13.44 -15.08
CA ARG B 140 -25.23 -14.41 -16.06
C ARG B 140 -26.27 -13.64 -16.88
N LYS B 141 -26.19 -13.74 -18.20
CA LYS B 141 -27.13 -13.03 -19.06
C LYS B 141 -28.58 -13.28 -18.68
N ASN B 142 -29.22 -12.23 -18.20
CA ASN B 142 -30.61 -12.25 -17.75
C ASN B 142 -31.57 -12.57 -18.88
N SER B 143 -31.58 -11.74 -19.91
CA SER B 143 -32.46 -11.92 -21.06
C SER B 143 -32.11 -13.09 -21.98
N THR B 144 -32.66 -13.07 -23.19
CA THR B 144 -32.40 -14.11 -24.18
C THR B 144 -32.37 -13.49 -25.56
N ASP B 145 -32.14 -12.19 -25.61
CA ASP B 145 -32.07 -11.45 -26.87
C ASP B 145 -30.72 -10.73 -27.00
N GLU B 146 -30.40 -10.30 -28.22
CA GLU B 146 -29.14 -9.64 -28.50
C GLU B 146 -28.49 -8.84 -27.39
N PRO B 147 -27.27 -9.24 -27.01
CA PRO B 147 -26.43 -8.64 -25.96
C PRO B 147 -26.42 -7.13 -26.04
N SER B 148 -26.78 -6.51 -24.93
CA SER B 148 -26.82 -5.06 -24.85
C SER B 148 -26.40 -4.55 -23.48
N GLU B 149 -26.00 -3.27 -23.46
CA GLU B 149 -25.61 -2.60 -22.24
C GLU B 149 -26.58 -3.00 -21.13
N LYS B 150 -27.88 -3.05 -21.48
CA LYS B 150 -28.94 -3.41 -20.53
C LYS B 150 -28.61 -4.64 -19.69
N ASP B 151 -27.98 -5.63 -20.31
CA ASP B 151 -27.61 -6.86 -19.62
C ASP B 151 -26.68 -6.63 -18.43
N ALA B 152 -25.94 -5.54 -18.45
CA ALA B 152 -25.02 -5.24 -17.37
C ALA B 152 -25.72 -4.39 -16.31
N LEU B 153 -26.96 -4.01 -16.59
CA LEU B 153 -27.74 -3.18 -15.68
C LEU B 153 -28.58 -4.07 -14.76
N GLN B 154 -27.89 -4.81 -13.92
CA GLN B 154 -28.56 -5.70 -13.00
C GLN B 154 -28.13 -5.43 -11.58
N PRO B 155 -29.03 -5.59 -10.61
CA PRO B 155 -28.60 -5.33 -9.24
C PRO B 155 -27.54 -6.35 -8.83
N GLY B 156 -26.63 -5.93 -7.95
CA GLY B 156 -25.55 -6.80 -7.50
C GLY B 156 -26.04 -8.06 -6.82
N ARG B 157 -27.31 -8.07 -6.46
CA ARG B 157 -27.87 -9.24 -5.84
C ARG B 157 -27.82 -10.37 -6.87
N ASN B 158 -27.76 -10.02 -8.16
CA ASN B 158 -27.72 -11.03 -9.23
C ASN B 158 -26.32 -11.59 -9.50
N LEU B 159 -25.30 -11.08 -8.80
CA LEU B 159 -23.94 -11.58 -9.02
C LEU B 159 -23.83 -13.07 -8.74
N VAL B 160 -23.03 -13.74 -9.56
CA VAL B 160 -22.78 -15.17 -9.40
C VAL B 160 -21.37 -15.34 -8.84
N ALA B 161 -20.52 -14.34 -9.11
CA ALA B 161 -19.12 -14.32 -8.64
C ALA B 161 -18.56 -12.88 -8.63
N ALA B 162 -17.78 -12.54 -7.62
CA ALA B 162 -17.21 -11.20 -7.56
C ALA B 162 -15.95 -11.20 -6.71
N GLY B 163 -15.09 -10.22 -6.93
CA GLY B 163 -13.88 -10.16 -6.16
C GLY B 163 -12.86 -9.19 -6.68
N TYR B 164 -11.62 -9.38 -6.26
CA TYR B 164 -10.55 -8.47 -6.66
C TYR B 164 -9.17 -9.07 -6.51
N ALA B 165 -8.22 -8.46 -7.20
CA ALA B 165 -6.82 -8.86 -7.14
C ALA B 165 -6.13 -7.63 -6.55
N LEU B 166 -5.61 -7.79 -5.35
CA LEU B 166 -4.89 -6.72 -4.68
C LEU B 166 -3.36 -6.81 -4.90
N TYR B 167 -2.79 -5.85 -5.66
CA TYR B 167 -1.35 -5.81 -5.91
C TYR B 167 -0.69 -4.99 -4.83
N GLY B 168 -0.55 -5.58 -3.63
CA GLY B 168 0.07 -4.87 -2.52
C GLY B 168 1.50 -5.37 -2.26
N SER B 169 1.87 -5.57 -1.00
CA SER B 169 3.22 -6.09 -0.72
C SER B 169 3.29 -7.44 -1.43
N ALA B 170 2.23 -8.24 -1.29
CA ALA B 170 2.14 -9.51 -2.03
C ALA B 170 0.89 -9.33 -2.89
N THR B 171 0.67 -10.21 -3.85
CA THR B 171 -0.52 -10.11 -4.70
C THR B 171 -1.51 -11.16 -4.22
N MET B 172 -2.74 -10.75 -3.97
CA MET B 172 -3.76 -11.68 -3.54
C MET B 172 -5.02 -11.50 -4.37
N LEU B 173 -5.69 -12.63 -4.64
CA LEU B 173 -6.92 -12.60 -5.38
C LEU B 173 -8.00 -13.09 -4.39
N VAL B 174 -9.03 -12.28 -4.17
CA VAL B 174 -10.09 -12.65 -3.24
C VAL B 174 -11.30 -12.96 -4.10
N LEU B 175 -11.85 -14.17 -3.92
CA LEU B 175 -13.00 -14.60 -4.71
C LEU B 175 -14.18 -14.94 -3.83
N ALA B 176 -15.30 -14.33 -4.14
CA ALA B 176 -16.54 -14.56 -3.42
C ALA B 176 -17.53 -15.16 -4.40
N MET B 177 -18.25 -16.17 -3.92
CA MET B 177 -19.29 -16.84 -4.70
C MET B 177 -20.39 -17.16 -3.70
N VAL B 178 -21.55 -17.59 -4.21
CA VAL B 178 -22.72 -17.88 -3.38
C VAL B 178 -22.46 -18.57 -2.04
N ASN B 179 -21.53 -19.50 -2.01
CA ASN B 179 -21.24 -20.24 -0.78
C ASN B 179 -20.12 -19.70 0.14
N GLY B 180 -19.58 -18.52 -0.17
CA GLY B 180 -18.56 -17.97 0.68
C GLY B 180 -17.51 -17.13 0.00
N VAL B 181 -16.48 -16.77 0.76
CA VAL B 181 -15.36 -15.96 0.26
C VAL B 181 -14.05 -16.70 0.53
N ASN B 182 -13.18 -16.76 -0.47
CA ASN B 182 -11.89 -17.44 -0.32
C ASN B 182 -10.72 -16.56 -0.81
N CYS B 183 -9.61 -16.62 -0.08
CA CYS B 183 -8.44 -15.82 -0.42
C CYS B 183 -7.29 -16.66 -0.98
N PHE B 184 -6.75 -16.26 -2.13
CA PHE B 184 -5.65 -17.02 -2.73
C PHE B 184 -4.39 -16.18 -2.89
N MET B 185 -3.29 -16.60 -2.29
CA MET B 185 -2.04 -15.86 -2.40
C MET B 185 -1.35 -16.23 -3.70
N LEU B 186 -0.85 -15.23 -4.42
CA LEU B 186 -0.14 -15.49 -5.69
C LEU B 186 1.31 -15.84 -5.46
N ASP B 187 1.71 -17.05 -5.82
CA ASP B 187 3.08 -17.36 -5.71
C ASP B 187 3.62 -16.97 -7.05
N PRO B 188 4.36 -15.87 -7.10
CA PRO B 188 4.91 -15.32 -8.33
C PRO B 188 6.02 -16.13 -8.99
N ALA B 189 6.56 -17.10 -8.29
CA ALA B 189 7.65 -17.90 -8.86
C ALA B 189 7.13 -19.02 -9.79
N ILE B 190 5.88 -19.41 -9.60
CA ILE B 190 5.31 -20.46 -10.45
C ILE B 190 4.01 -20.05 -11.08
N GLY B 191 3.56 -18.83 -10.77
CA GLY B 191 2.32 -18.38 -11.36
C GLY B 191 1.10 -19.15 -10.90
N GLU B 192 1.04 -19.55 -9.64
CA GLU B 192 -0.14 -20.24 -9.12
C GLU B 192 -0.68 -19.40 -7.96
N PHE B 193 -1.98 -19.47 -7.74
CA PHE B 193 -2.59 -18.77 -6.61
C PHE B 193 -2.89 -19.88 -5.63
N ILE B 194 -2.43 -19.71 -4.40
CA ILE B 194 -2.64 -20.71 -3.36
C ILE B 194 -3.72 -20.25 -2.38
N LEU B 195 -4.73 -21.10 -2.14
CA LEU B 195 -5.79 -20.77 -1.19
C LEU B 195 -5.10 -20.74 0.16
N VAL B 196 -5.13 -19.60 0.84
CA VAL B 196 -4.51 -19.45 2.16
C VAL B 196 -5.50 -19.14 3.27
N ASP B 197 -6.73 -18.80 2.90
CA ASP B 197 -7.75 -18.50 3.90
C ASP B 197 -9.08 -18.93 3.31
N ARG B 198 -9.67 -19.94 3.93
CA ARG B 198 -10.93 -20.51 3.47
C ARG B 198 -12.11 -20.01 4.28
N ASP B 199 -13.27 -19.91 3.63
CA ASP B 199 -14.50 -19.46 4.23
C ASP B 199 -14.35 -18.22 5.09
N VAL B 200 -13.81 -17.19 4.47
CA VAL B 200 -13.53 -15.94 5.14
C VAL B 200 -14.73 -15.19 5.72
N LYS B 201 -14.69 -14.95 7.02
CA LYS B 201 -15.75 -14.20 7.69
C LYS B 201 -15.15 -12.93 8.30
N ILE B 202 -15.82 -11.79 8.10
CA ILE B 202 -15.35 -10.54 8.66
C ILE B 202 -15.78 -10.53 10.13
N LYS B 203 -15.07 -9.74 10.95
CA LYS B 203 -15.39 -9.63 12.37
C LYS B 203 -16.64 -8.80 12.57
N LYS B 204 -17.35 -9.08 13.65
CA LYS B 204 -18.59 -8.37 13.99
C LYS B 204 -18.37 -6.88 14.33
N LYS B 205 -17.37 -6.58 15.14
CA LYS B 205 -17.07 -5.20 15.52
C LYS B 205 -15.60 -4.94 15.20
N GLY B 206 -15.28 -3.76 14.69
CA GLY B 206 -13.90 -3.45 14.40
C GLY B 206 -13.33 -2.40 15.33
N SER B 207 -12.20 -1.79 14.96
CA SER B 207 -11.58 -0.73 15.75
C SER B 207 -10.73 0.18 14.89
N ILE B 208 -11.11 0.25 13.61
CA ILE B 208 -10.45 1.08 12.62
C ILE B 208 -11.53 1.66 11.70
N TYR B 209 -11.49 2.96 11.42
CA TYR B 209 -12.44 3.56 10.49
C TYR B 209 -11.62 4.09 9.31
N SER B 210 -12.23 4.18 8.12
CA SER B 210 -11.51 4.57 6.92
C SER B 210 -12.32 5.46 6.00
N ILE B 211 -12.04 6.75 6.08
CA ILE B 211 -12.73 7.74 5.28
C ILE B 211 -11.73 8.87 5.04
N ASN B 212 -11.91 9.58 3.91
CA ASN B 212 -11.03 10.71 3.63
C ASN B 212 -11.64 11.90 4.37
N GLU B 213 -11.08 12.27 5.50
CA GLU B 213 -11.64 13.38 6.26
C GLU B 213 -11.48 14.77 5.64
N GLY B 214 -10.69 14.86 4.57
CA GLY B 214 -10.50 16.14 3.92
C GLY B 214 -11.81 16.72 3.39
N TYR B 215 -12.89 15.97 3.52
CA TYR B 215 -14.19 16.42 3.03
C TYR B 215 -15.11 16.72 4.22
N ALA B 216 -14.53 16.75 5.41
CA ALA B 216 -15.28 17.02 6.62
C ALA B 216 -16.31 18.14 6.41
N LYS B 217 -15.85 19.28 5.92
CA LYS B 217 -16.73 20.40 5.68
C LYS B 217 -18.00 20.03 4.91
N GLU B 218 -17.93 18.97 4.12
CA GLU B 218 -19.09 18.57 3.33
C GLU B 218 -19.81 17.32 3.79
N PHE B 219 -19.38 16.72 4.90
CA PHE B 219 -20.06 15.50 5.35
C PHE B 219 -21.49 15.78 5.84
N ASP B 220 -22.35 14.78 5.73
CA ASP B 220 -23.70 14.96 6.22
C ASP B 220 -23.60 14.81 7.74
N PRO B 221 -24.64 15.24 8.49
CA PRO B 221 -24.65 15.16 9.95
C PRO B 221 -24.38 13.80 10.57
N ALA B 222 -24.78 12.73 9.89
CA ALA B 222 -24.59 11.38 10.40
C ALA B 222 -23.13 10.97 10.41
N ILE B 223 -22.46 11.21 9.28
CA ILE B 223 -21.04 10.91 9.12
C ILE B 223 -20.29 11.69 10.21
N THR B 224 -20.59 12.99 10.30
CA THR B 224 -19.98 13.87 11.28
C THR B 224 -20.15 13.30 12.68
N GLU B 225 -21.37 12.90 13.03
CA GLU B 225 -21.60 12.37 14.36
C GLU B 225 -20.81 11.09 14.59
N TYR B 226 -20.98 10.10 13.71
CA TYR B 226 -20.25 8.84 13.80
C TYR B 226 -18.72 9.05 13.90
N ILE B 227 -18.16 9.87 13.01
CA ILE B 227 -16.72 10.11 13.06
C ILE B 227 -16.32 10.62 14.44
N GLN B 228 -17.06 11.61 14.94
CA GLN B 228 -16.80 12.20 16.23
C GLN B 228 -16.82 11.12 17.33
N ARG B 229 -17.78 10.21 17.23
CA ARG B 229 -17.92 9.14 18.20
C ARG B 229 -16.72 8.15 18.15
N LYS B 230 -16.07 8.05 16.99
CA LYS B 230 -14.91 7.15 16.83
C LYS B 230 -13.70 7.70 17.56
N LYS B 231 -13.59 9.03 17.62
CA LYS B 231 -12.47 9.67 18.28
C LYS B 231 -12.77 9.95 19.76
N PHE B 232 -14.05 10.18 20.08
CA PHE B 232 -14.44 10.46 21.45
C PHE B 232 -15.51 9.45 21.88
N PRO B 233 -15.12 8.18 22.04
CA PRO B 233 -16.04 7.11 22.42
C PRO B 233 -16.92 7.45 23.63
N PRO B 234 -18.20 7.80 23.40
CA PRO B 234 -19.05 8.14 24.55
C PRO B 234 -18.97 7.06 25.63
N ASP B 235 -18.65 5.82 25.25
CA ASP B 235 -18.54 4.77 26.24
C ASP B 235 -17.14 4.78 26.88
N ASN B 236 -16.44 5.89 26.69
CA ASN B 236 -15.10 6.09 27.22
C ASN B 236 -14.08 5.01 26.95
N SER B 237 -14.37 4.13 25.99
CA SER B 237 -13.44 3.08 25.62
C SER B 237 -12.40 3.68 24.68
N ALA B 238 -11.40 2.87 24.33
CA ALA B 238 -10.33 3.32 23.45
C ALA B 238 -10.91 3.72 22.09
N PRO B 239 -10.43 4.86 21.54
CA PRO B 239 -10.89 5.37 20.24
C PRO B 239 -10.41 4.46 19.10
N TYR B 240 -11.12 4.50 17.98
CA TYR B 240 -10.72 3.70 16.84
C TYR B 240 -9.45 4.27 16.21
N GLY B 241 -8.62 3.37 15.69
CA GLY B 241 -7.44 3.82 14.99
C GLY B 241 -7.90 4.20 13.59
N ALA B 242 -7.17 5.08 12.91
CA ALA B 242 -7.57 5.47 11.56
C ALA B 242 -6.60 4.98 10.51
N ARG B 243 -7.14 4.57 9.36
CA ARG B 243 -6.38 4.08 8.21
C ARG B 243 -7.11 4.48 6.94
N TYR B 244 -6.37 4.99 5.95
CA TYR B 244 -6.99 5.38 4.69
C TYR B 244 -5.93 5.50 3.61
N VAL B 245 -5.68 4.36 2.99
CA VAL B 245 -4.70 4.18 1.95
C VAL B 245 -4.97 5.03 0.72
N GLY B 246 -6.23 5.13 0.31
CA GLY B 246 -6.53 5.90 -0.89
C GLY B 246 -6.89 5.03 -2.10
N SER B 247 -6.70 3.71 -1.99
CA SER B 247 -7.08 2.81 -3.06
C SER B 247 -8.13 1.94 -2.45
N MET B 248 -9.35 2.00 -2.96
CA MET B 248 -10.44 1.20 -2.42
C MET B 248 -10.09 -0.27 -2.12
N VAL B 249 -9.45 -0.95 -3.06
CA VAL B 249 -9.12 -2.36 -2.86
C VAL B 249 -8.29 -2.61 -1.61
N ALA B 250 -7.26 -1.79 -1.42
CA ALA B 250 -6.40 -1.94 -0.25
C ALA B 250 -7.22 -1.70 0.99
N ASP B 251 -7.98 -0.61 0.96
CA ASP B 251 -8.83 -0.23 2.09
C ASP B 251 -9.90 -1.30 2.38
N VAL B 252 -10.64 -1.74 1.37
CA VAL B 252 -11.66 -2.75 1.65
C VAL B 252 -10.99 -4.05 2.07
N HIS B 253 -9.86 -4.36 1.44
CA HIS B 253 -9.21 -5.58 1.83
C HIS B 253 -8.85 -5.56 3.30
N ARG B 254 -8.25 -4.47 3.78
CA ARG B 254 -7.90 -4.39 5.20
C ARG B 254 -9.14 -4.61 6.07
N THR B 255 -10.23 -3.94 5.68
CA THR B 255 -11.50 -4.05 6.40
C THR B 255 -11.87 -5.52 6.55
N LEU B 256 -11.77 -6.28 5.46
CA LEU B 256 -12.10 -7.69 5.45
C LEU B 256 -11.26 -8.56 6.39
N VAL B 257 -9.96 -8.35 6.39
CA VAL B 257 -9.12 -9.16 7.25
C VAL B 257 -8.93 -8.67 8.70
N TYR B 258 -9.10 -7.37 8.95
CA TYR B 258 -8.95 -6.84 10.32
C TYR B 258 -10.30 -6.43 10.93
N GLY B 259 -11.32 -6.31 10.09
CA GLY B 259 -12.62 -5.86 10.57
C GLY B 259 -12.63 -4.34 10.61
N GLY B 260 -13.75 -3.72 10.96
CA GLY B 260 -13.79 -2.28 10.99
C GLY B 260 -14.74 -1.72 9.97
N ILE B 261 -14.54 -0.46 9.57
CA ILE B 261 -15.45 0.19 8.62
C ILE B 261 -14.78 1.16 7.60
N PHE B 262 -15.17 1.02 6.33
CA PHE B 262 -14.65 1.81 5.22
C PHE B 262 -15.78 2.65 4.70
N MET B 263 -15.51 3.93 4.47
CA MET B 263 -16.56 4.81 3.98
C MET B 263 -16.11 5.75 2.88
N TYR B 264 -17.06 6.07 2.01
CA TYR B 264 -16.84 7.04 0.96
C TYR B 264 -18.21 7.56 0.58
N PRO B 265 -18.82 8.38 1.46
CA PRO B 265 -20.14 8.96 1.25
C PRO B 265 -20.14 10.01 0.16
N ALA B 266 -21.21 10.77 0.09
CA ALA B 266 -21.33 11.84 -0.91
C ALA B 266 -20.85 13.14 -0.30
N ASN B 267 -20.22 13.96 -1.14
CA ASN B 267 -19.72 15.27 -0.75
C ASN B 267 -20.16 16.22 -1.86
N LYS B 268 -19.98 17.52 -1.70
CA LYS B 268 -20.43 18.47 -2.70
C LYS B 268 -20.05 18.21 -4.16
N LYS B 269 -18.79 17.89 -4.47
CA LYS B 269 -18.44 17.60 -5.86
C LYS B 269 -18.86 16.18 -6.23
N SER B 270 -19.15 15.37 -5.21
CA SER B 270 -19.60 14.00 -5.38
C SER B 270 -21.00 13.84 -4.79
N PRO B 271 -22.00 14.42 -5.46
CA PRO B 271 -23.43 14.42 -5.12
C PRO B 271 -24.04 13.07 -4.78
N LYS B 272 -23.60 12.03 -5.48
CA LYS B 272 -24.11 10.66 -5.28
C LYS B 272 -22.95 9.71 -5.07
N GLY B 273 -21.95 10.19 -4.33
CA GLY B 273 -20.76 9.40 -4.04
C GLY B 273 -19.79 9.47 -5.20
N LYS B 274 -18.59 8.94 -5.01
CA LYS B 274 -17.58 8.95 -6.06
C LYS B 274 -17.46 7.59 -6.72
N LEU B 275 -17.42 6.54 -5.91
CA LEU B 275 -17.26 5.19 -6.39
C LEU B 275 -18.36 4.71 -7.33
N ARG B 276 -17.97 3.89 -8.31
CA ARG B 276 -18.92 3.35 -9.28
C ARG B 276 -19.61 2.11 -8.76
N LEU B 277 -20.91 2.04 -9.01
CA LEU B 277 -21.72 0.94 -8.54
C LEU B 277 -21.38 -0.41 -9.13
N LEU B 278 -21.29 -0.46 -10.46
CA LEU B 278 -21.04 -1.72 -11.17
C LEU B 278 -19.72 -2.44 -10.95
N TYR B 279 -18.60 -1.75 -11.15
CA TYR B 279 -17.28 -2.33 -11.00
C TYR B 279 -16.49 -1.97 -9.73
N GLU B 280 -17.04 -1.11 -8.88
CA GLU B 280 -16.35 -0.77 -7.63
C GLU B 280 -17.18 -1.19 -6.40
N CYS B 281 -18.36 -0.58 -6.26
CA CYS B 281 -19.23 -0.83 -5.11
C CYS B 281 -19.89 -2.21 -5.04
N ASN B 282 -20.61 -2.59 -6.07
CA ASN B 282 -21.29 -3.88 -6.04
C ASN B 282 -20.38 -5.07 -5.72
N PRO B 283 -19.22 -5.18 -6.41
CA PRO B 283 -18.35 -6.32 -6.10
C PRO B 283 -17.89 -6.37 -4.65
N MET B 284 -17.60 -5.20 -4.08
CA MET B 284 -17.12 -5.13 -2.71
C MET B 284 -18.26 -5.38 -1.72
N ALA B 285 -19.46 -4.98 -2.14
CA ALA B 285 -20.67 -5.16 -1.36
C ALA B 285 -20.94 -6.66 -1.31
N TYR B 286 -20.72 -7.31 -2.44
CA TYR B 286 -20.95 -8.74 -2.55
C TYR B 286 -19.98 -9.55 -1.68
N VAL B 287 -18.70 -9.17 -1.73
CA VAL B 287 -17.68 -9.83 -0.94
C VAL B 287 -18.03 -9.66 0.53
N MET B 288 -18.36 -8.43 0.91
CA MET B 288 -18.70 -8.15 2.29
C MET B 288 -19.88 -8.97 2.79
N GLU B 289 -20.94 -9.09 2.01
CA GLU B 289 -22.07 -9.88 2.50
C GLU B 289 -21.74 -11.37 2.60
N LYS B 290 -21.01 -11.89 1.62
CA LYS B 290 -20.66 -13.30 1.69
C LYS B 290 -19.73 -13.59 2.87
N ALA B 291 -19.06 -12.54 3.37
CA ALA B 291 -18.16 -12.67 4.51
C ALA B 291 -18.93 -12.38 5.80
N GLY B 292 -20.21 -12.07 5.67
CA GLY B 292 -21.05 -11.77 6.83
C GLY B 292 -20.90 -10.36 7.37
N GLY B 293 -20.70 -9.44 6.44
CA GLY B 293 -20.58 -8.03 6.76
C GLY B 293 -21.69 -7.33 5.97
N LEU B 294 -21.78 -6.01 6.11
CA LEU B 294 -22.82 -5.21 5.45
C LEU B 294 -22.23 -4.16 4.53
N ALA B 295 -23.08 -3.68 3.62
CA ALA B 295 -22.71 -2.66 2.66
C ALA B 295 -23.93 -1.85 2.32
N THR B 296 -23.96 -0.61 2.78
CA THR B 296 -25.08 0.27 2.50
C THR B 296 -24.61 1.63 1.97
N THR B 297 -25.54 2.37 1.38
CA THR B 297 -25.23 3.69 0.86
C THR B 297 -25.50 4.62 2.03
N GLY B 298 -26.27 4.11 2.98
CA GLY B 298 -26.64 4.87 4.16
C GLY B 298 -28.16 4.82 4.25
N LYS B 299 -28.81 4.59 3.12
CA LYS B 299 -30.25 4.52 3.09
C LYS B 299 -30.69 3.14 2.69
N GLU B 300 -29.94 2.49 1.80
CA GLU B 300 -30.31 1.17 1.33
C GLU B 300 -29.09 0.30 0.99
N ALA B 301 -29.33 -1.00 0.92
CA ALA B 301 -28.29 -1.96 0.58
C ALA B 301 -27.80 -1.74 -0.85
N VAL B 302 -26.48 -1.68 -0.99
CA VAL B 302 -25.84 -1.45 -2.27
C VAL B 302 -26.30 -2.44 -3.32
N LEU B 303 -26.40 -3.70 -2.93
CA LEU B 303 -26.78 -4.75 -3.88
C LEU B 303 -28.22 -4.70 -4.36
N ASP B 304 -29.11 -4.07 -3.59
CA ASP B 304 -30.53 -3.99 -3.97
C ASP B 304 -30.76 -2.92 -5.04
N ILE B 305 -29.87 -1.93 -5.11
CA ILE B 305 -29.99 -0.85 -6.11
C ILE B 305 -30.01 -1.39 -7.55
N VAL B 306 -30.93 -0.87 -8.36
CA VAL B 306 -31.06 -1.26 -9.76
C VAL B 306 -30.46 -0.15 -10.61
N PRO B 307 -29.41 -0.45 -11.37
CA PRO B 307 -28.69 0.50 -12.23
C PRO B 307 -29.41 0.98 -13.49
N THR B 308 -29.18 2.25 -13.84
CA THR B 308 -29.73 2.84 -15.06
C THR B 308 -28.61 3.43 -15.92
N ASP B 309 -27.39 3.41 -15.38
CA ASP B 309 -26.22 3.91 -16.09
C ASP B 309 -25.05 3.01 -15.69
N ILE B 310 -24.35 2.42 -16.66
CA ILE B 310 -23.21 1.57 -16.33
C ILE B 310 -22.12 2.30 -15.53
N HIS B 311 -22.08 3.62 -15.64
CA HIS B 311 -21.09 4.40 -14.88
C HIS B 311 -21.75 5.22 -13.79
N GLN B 312 -22.87 4.73 -13.29
CA GLN B 312 -23.60 5.37 -12.21
C GLN B 312 -22.74 5.24 -10.96
N ARG B 313 -22.61 6.32 -10.21
CA ARG B 313 -21.83 6.29 -8.99
C ARG B 313 -22.78 6.06 -7.83
N ALA B 314 -22.24 5.76 -6.66
CA ALA B 314 -23.08 5.57 -5.49
C ALA B 314 -22.25 5.74 -4.20
N PRO B 315 -22.91 6.13 -3.10
CA PRO B 315 -22.14 6.29 -1.86
C PRO B 315 -22.01 4.89 -1.27
N ILE B 316 -21.06 4.67 -0.38
CA ILE B 316 -20.95 3.34 0.20
C ILE B 316 -20.28 3.29 1.57
N ILE B 317 -20.84 2.43 2.42
CA ILE B 317 -20.40 2.20 3.80
C ILE B 317 -20.38 0.69 3.94
N LEU B 318 -19.19 0.12 4.19
CA LEU B 318 -19.08 -1.30 4.34
C LEU B 318 -18.14 -1.70 5.49
N GLY B 319 -18.24 -2.96 5.90
CA GLY B 319 -17.38 -3.44 6.96
C GLY B 319 -18.14 -4.26 7.98
N SER B 320 -17.60 -4.30 9.19
CA SER B 320 -18.23 -5.03 10.27
C SER B 320 -19.70 -4.63 10.39
N PRO B 321 -20.58 -5.63 10.58
CA PRO B 321 -22.00 -5.31 10.70
C PRO B 321 -22.31 -4.38 11.86
N GLU B 322 -21.74 -4.66 13.03
CA GLU B 322 -21.99 -3.81 14.19
C GLU B 322 -21.61 -2.37 13.96
N ASP B 323 -20.43 -2.13 13.37
CA ASP B 323 -19.99 -0.76 13.11
C ASP B 323 -20.89 -0.11 12.08
N VAL B 324 -21.21 -0.83 11.00
CA VAL B 324 -22.06 -0.28 9.96
C VAL B 324 -23.46 0.01 10.53
N THR B 325 -24.05 -0.96 11.24
CA THR B 325 -25.38 -0.73 11.80
C THR B 325 -25.36 0.48 12.77
N GLU B 326 -24.29 0.61 13.53
CA GLU B 326 -24.18 1.77 14.43
C GLU B 326 -24.41 3.04 13.60
N LEU B 327 -23.67 3.15 12.49
CA LEU B 327 -23.80 4.30 11.60
C LEU B 327 -25.21 4.38 11.01
N LEU B 328 -25.79 3.25 10.60
CA LEU B 328 -27.13 3.27 10.03
C LEU B 328 -28.17 3.80 11.01
N GLU B 329 -28.07 3.39 12.28
CA GLU B 329 -29.02 3.84 13.30
C GLU B 329 -28.92 5.36 13.50
N ILE B 330 -27.75 5.92 13.22
CA ILE B 330 -27.55 7.35 13.34
C ILE B 330 -28.31 8.01 12.18
N TYR B 331 -28.23 7.45 10.98
CA TYR B 331 -28.99 8.00 9.86
C TYR B 331 -30.46 7.91 10.22
N GLN B 332 -30.83 6.77 10.80
CA GLN B 332 -32.20 6.56 11.22
C GLN B 332 -32.60 7.64 12.21
N LYS B 333 -31.86 7.79 13.30
CA LYS B 333 -32.18 8.80 14.30
C LYS B 333 -32.41 10.16 13.67
N HIS B 334 -31.51 10.56 12.76
CA HIS B 334 -31.62 11.87 12.10
C HIS B 334 -32.70 11.82 11.05
N ALA B 335 -33.73 11.00 11.29
CA ALA B 335 -34.83 10.89 10.36
C ALA B 335 -36.12 10.74 11.14
#